data_4AQC
#
_entry.id   4AQC
#
_cell.length_a   111.679
_cell.length_b   111.679
_cell.length_c   70.422
_cell.angle_alpha   90.00
_cell.angle_beta   90.00
_cell.angle_gamma   90.00
#
_symmetry.space_group_name_H-M   'P 41'
#
loop_
_entity.id
_entity.type
_entity.pdbx_description
1 polymer 'TYROSINE-PROTEIN KINASE JAK2'
2 non-polymer 8-(4-methylsulfonylphenyl)-N-(4-morpholin-4-ylphenyl)-[1,2,4]triazolo[1,5-a]pyridin-2-amine
3 non-polymer 'SULFATE ION'
4 water water
#
_entity_poly.entity_id   1
_entity_poly.type   'polypeptide(L)'
_entity_poly.pdbx_seq_one_letter_code
;GAMAFEDRDPTQFEERHLKFLQQLGKGNFGSVEMCRYDPLQDNTGEVVAVKKLQHSTEEHLRDFEREIEILKSLQHDNIV
KYKGVCYSAGRRNLKLIMEYLPYGSLRDYLQKHKERIDHIKLLQYTSQICKGMEYLGTKRYIHRDLATRNILVENENRVK
IGDFGLTKVLPQDKE(PTR)(PTR)KVKEPGESPIFWYAPESLTESKFSVASDVWSFGVVLYELFTYIEKSKSPPAEFMR
MIGNDKQGQMIVFHLIELLKNNGRLPRPDGCPDEIYMIMTECWNNNVNQRPSFRDLALRVDQIRDNMAG
;
_entity_poly.pdbx_strand_id   A,B
#
loop_
_chem_comp.id
_chem_comp.type
_chem_comp.name
_chem_comp.formula
88A non-polymer 8-(4-methylsulfonylphenyl)-N-(4-morpholin-4-ylphenyl)-[1,2,4]triazolo[1,5-a]pyridin-2-amine 'C23 H23 N5 O3 S'
SO4 non-polymer 'SULFATE ION' 'O4 S -2'
#
# COMPACT_ATOMS: atom_id res chain seq x y z
N THR A 11 43.00 4.10 11.22
CA THR A 11 42.11 5.13 10.57
C THR A 11 42.88 6.04 9.59
N GLN A 12 44.09 5.61 9.18
CA GLN A 12 44.84 6.29 8.13
C GLN A 12 45.07 5.36 6.94
N PHE A 13 44.62 5.80 5.77
CA PHE A 13 44.56 4.99 4.58
C PHE A 13 45.52 5.59 3.56
N GLU A 14 46.36 4.74 2.96
CA GLU A 14 47.26 5.19 1.90
C GLU A 14 46.55 5.15 0.56
N GLU A 15 46.63 6.27 -0.17
CA GLU A 15 46.01 6.41 -1.49
C GLU A 15 46.36 5.28 -2.46
N ARG A 16 47.62 4.84 -2.46
CA ARG A 16 48.09 3.86 -3.43
C ARG A 16 47.48 2.47 -3.24
N HIS A 17 46.83 2.24 -2.09
CA HIS A 17 46.22 0.94 -1.81
C HIS A 17 44.70 0.95 -2.03
N LEU A 18 44.16 2.07 -2.52
CA LEU A 18 42.73 2.25 -2.71
C LEU A 18 42.38 2.08 -4.19
N LYS A 19 41.65 1.02 -4.53
CA LYS A 19 41.37 0.66 -5.92
C LYS A 19 39.94 1.02 -6.31
N PHE A 20 39.80 1.84 -7.35
CA PHE A 20 38.48 2.28 -7.78
C PHE A 20 37.68 1.13 -8.34
N LEU A 21 36.42 1.05 -7.97
CA LEU A 21 35.51 0.07 -8.55
C LEU A 21 34.31 0.70 -9.24
N GLN A 22 33.71 1.72 -8.63
CA GLN A 22 32.46 2.23 -9.16
C GLN A 22 32.12 3.56 -8.54
N GLN A 23 31.43 4.42 -9.28
CA GLN A 23 30.86 5.64 -8.72
C GLN A 23 29.58 5.28 -8.00
N LEU A 24 29.39 5.84 -6.82
CA LEU A 24 28.14 5.60 -6.07
C LEU A 24 27.17 6.75 -6.01
N GLY A 25 27.61 7.95 -6.36
CA GLY A 25 26.74 9.10 -6.27
C GLY A 25 27.49 10.40 -6.06
N LYS A 26 26.85 11.47 -6.47
CA LYS A 26 27.28 12.84 -6.20
C LYS A 26 26.16 13.55 -5.44
N GLY A 27 26.52 14.39 -4.50
CA GLY A 27 25.51 15.26 -3.90
C GLY A 27 26.18 16.43 -3.23
N ASN A 28 25.50 17.56 -3.26
CA ASN A 28 25.98 18.79 -2.67
C ASN A 28 27.33 19.03 -3.33
N PHE A 29 28.45 18.98 -2.62
CA PHE A 29 29.72 19.20 -3.37
C PHE A 29 30.72 18.06 -3.27
N GLY A 30 30.23 16.91 -2.83
CA GLY A 30 31.01 15.70 -2.80
C GLY A 30 30.53 14.62 -3.76
N SER A 31 31.35 13.60 -3.81
CA SER A 31 31.19 12.48 -4.67
C SER A 31 31.69 11.28 -3.92
N VAL A 32 31.00 10.15 -4.08
CA VAL A 32 31.33 8.93 -3.33
C VAL A 32 31.62 7.83 -4.33
N GLU A 33 32.70 7.09 -4.07
CA GLU A 33 33.15 5.97 -4.91
C GLU A 33 33.20 4.68 -4.09
N MET A 34 32.92 3.54 -4.71
CA MET A 34 33.19 2.22 -4.10
C MET A 34 34.65 1.89 -4.47
N CYS A 35 35.45 1.55 -3.48
CA CYS A 35 36.85 1.21 -3.72
C CYS A 35 37.20 -0.03 -2.91
N ARG A 36 38.21 -0.75 -3.35
CA ARG A 36 38.79 -1.82 -2.56
C ARG A 36 40.03 -1.28 -1.92
N TYR A 37 40.13 -1.37 -0.59
CA TYR A 37 41.37 -1.00 0.13
C TYR A 37 42.20 -2.26 0.30
N ASP A 38 43.31 -2.33 -0.43
CA ASP A 38 44.04 -3.57 -0.58
C ASP A 38 45.54 -3.38 -0.37
N PRO A 39 45.95 -3.09 0.87
CA PRO A 39 47.35 -2.79 1.18
C PRO A 39 48.33 -3.94 1.00
N LEU A 40 47.85 -5.18 1.00
CA LEU A 40 48.70 -6.32 0.70
C LEU A 40 48.76 -6.58 -0.82
N GLN A 41 47.91 -5.89 -1.57
CA GLN A 41 47.93 -5.96 -3.04
C GLN A 41 47.77 -7.40 -3.53
N ASP A 42 46.91 -8.16 -2.84
CA ASP A 42 46.64 -9.58 -3.12
C ASP A 42 45.14 -9.86 -3.22
N ASN A 43 44.35 -8.82 -3.47
CA ASN A 43 42.89 -8.92 -3.56
C ASN A 43 42.30 -9.59 -2.30
N THR A 44 42.66 -9.10 -1.11
CA THR A 44 42.01 -9.56 0.15
C THR A 44 41.45 -8.42 1.02
N GLY A 45 41.65 -7.18 0.58
CA GLY A 45 41.12 -6.07 1.33
C GLY A 45 39.61 -5.94 1.23
N GLU A 46 39.08 -5.15 2.15
CA GLU A 46 37.66 -4.93 2.14
C GLU A 46 37.26 -3.81 1.19
N VAL A 47 36.03 -3.88 0.69
CA VAL A 47 35.42 -2.79 -0.06
C VAL A 47 34.93 -1.71 0.92
N VAL A 48 35.15 -0.46 0.55
CA VAL A 48 34.85 0.69 1.38
C VAL A 48 34.27 1.75 0.48
N ALA A 49 33.61 2.74 1.09
CA ALA A 49 33.02 3.88 0.37
C ALA A 49 33.95 5.06 0.63
N VAL A 50 34.21 5.83 -0.41
CA VAL A 50 35.20 6.86 -0.30
C VAL A 50 34.58 8.14 -0.80
N LYS A 51 34.51 9.15 0.06
CA LYS A 51 33.91 10.41 -0.31
C LYS A 51 34.98 11.45 -0.49
N LYS A 52 34.82 12.25 -1.52
CA LYS A 52 35.75 13.38 -1.73
C LYS A 52 35.05 14.58 -2.30
N LEU A 53 35.73 15.72 -2.27
CA LEU A 53 35.18 16.93 -2.86
C LEU A 53 35.24 16.80 -4.39
N GLN A 54 34.16 17.19 -5.06
CA GLN A 54 34.10 17.24 -6.52
C GLN A 54 35.17 18.23 -7.06
N HIS A 55 35.29 19.37 -6.40
CA HIS A 55 36.32 20.38 -6.72
C HIS A 55 36.88 20.92 -5.42
N SER A 56 38.15 20.62 -5.14
CA SER A 56 38.73 21.04 -3.88
C SER A 56 38.90 22.57 -3.87
N THR A 57 38.60 23.17 -2.74
CA THR A 57 38.52 24.62 -2.58
C THR A 57 38.73 24.84 -1.08
N GLU A 58 39.22 26.01 -0.70
CA GLU A 58 39.52 26.24 0.72
C GLU A 58 38.23 26.27 1.55
N GLU A 59 37.22 26.93 1.01
CA GLU A 59 35.93 27.02 1.68
C GLU A 59 35.38 25.61 1.90
N HIS A 60 35.33 24.81 0.84
CA HIS A 60 34.79 23.45 0.92
C HIS A 60 35.65 22.51 1.78
N LEU A 61 36.96 22.69 1.78
CA LEU A 61 37.83 21.80 2.54
C LEU A 61 37.57 21.98 4.04
N ARG A 62 37.50 23.25 4.49
CA ARG A 62 37.15 23.52 5.87
CA ARG A 62 37.10 23.59 5.86
C ARG A 62 35.77 22.90 6.22
N ASP A 63 34.78 23.00 5.32
CA ASP A 63 33.45 22.36 5.54
C ASP A 63 33.59 20.84 5.60
N PHE A 64 34.40 20.29 4.69
CA PHE A 64 34.61 18.86 4.60
C PHE A 64 35.25 18.32 5.90
N GLU A 65 36.26 19.02 6.39
CA GLU A 65 36.87 18.67 7.68
C GLU A 65 35.86 18.67 8.84
N ARG A 66 34.98 19.66 8.92
CA ARG A 66 33.92 19.64 9.94
C ARG A 66 32.97 18.47 9.78
N GLU A 67 32.59 18.18 8.53
CA GLU A 67 31.74 17.03 8.24
C GLU A 67 32.39 15.73 8.73
N ILE A 68 33.67 15.58 8.45
CA ILE A 68 34.39 14.41 8.92
C ILE A 68 34.35 14.30 10.45
N GLU A 69 34.61 15.40 11.16
CA GLU A 69 34.62 15.39 12.63
C GLU A 69 33.23 15.04 13.18
N ILE A 70 32.19 15.52 12.53
CA ILE A 70 30.79 15.16 12.85
C ILE A 70 30.61 13.66 12.69
N LEU A 71 30.94 13.10 11.54
CA LEU A 71 30.69 11.67 11.33
C LEU A 71 31.47 10.85 12.35
N LYS A 72 32.73 11.22 12.54
CA LYS A 72 33.63 10.57 13.46
C LYS A 72 33.05 10.57 14.88
N SER A 73 32.41 11.68 15.25
CA SER A 73 31.78 11.78 16.56
C SER A 73 30.49 10.92 16.76
N LEU A 74 29.95 10.32 15.71
CA LEU A 74 28.66 9.65 15.80
C LEU A 74 28.82 8.13 15.77
N GLN A 75 28.26 7.43 16.77
CA GLN A 75 28.24 5.96 16.77
C GLN A 75 26.83 5.52 17.08
N HIS A 76 26.17 4.97 16.07
CA HIS A 76 24.82 4.55 16.19
C HIS A 76 24.48 3.54 15.07
N ASP A 77 23.72 2.52 15.43
CA ASP A 77 23.27 1.50 14.49
C ASP A 77 22.71 2.01 13.16
N ASN A 78 22.08 3.18 13.19
CA ASN A 78 21.40 3.78 12.05
C ASN A 78 22.14 5.00 11.51
N ILE A 79 23.43 5.02 11.76
CA ILE A 79 24.36 6.01 11.18
C ILE A 79 25.53 5.27 10.57
N VAL A 80 25.88 5.63 9.33
CA VAL A 80 26.98 4.97 8.62
C VAL A 80 28.30 5.17 9.38
N LYS A 81 29.08 4.11 9.41
CA LYS A 81 30.33 4.07 10.15
C LYS A 81 31.51 4.77 9.45
N TYR A 82 32.21 5.57 10.24
CA TYR A 82 33.46 6.18 9.86
C TYR A 82 34.55 5.13 9.95
N LYS A 83 35.45 5.11 8.98
CA LYS A 83 36.61 4.21 9.05
C LYS A 83 37.92 4.96 9.17
N GLY A 84 38.06 6.09 8.50
CA GLY A 84 39.33 6.83 8.54
C GLY A 84 39.32 7.94 7.50
N VAL A 85 40.49 8.51 7.24
CA VAL A 85 40.71 9.52 6.21
C VAL A 85 41.96 9.18 5.40
N CYS A 86 41.99 9.63 4.15
CA CYS A 86 43.16 9.43 3.31
C CYS A 86 43.58 10.83 2.91
N TYR A 87 44.67 11.28 3.50
CA TYR A 87 45.28 12.58 3.18
C TYR A 87 46.20 12.35 1.99
N SER A 88 47.17 11.45 2.21
CA SER A 88 48.07 10.92 1.17
C SER A 88 48.44 11.90 0.05
N ALA A 89 47.52 12.13 -0.89
CA ALA A 89 47.76 13.06 -1.99
C ALA A 89 47.60 14.52 -1.54
N GLY A 90 47.92 14.80 -0.28
CA GLY A 90 47.75 16.13 0.30
C GLY A 90 46.33 16.42 0.77
N ARG A 91 46.25 17.36 1.73
CA ARG A 91 44.98 17.91 2.24
C ARG A 91 43.95 18.26 1.15
N ARG A 92 44.44 18.78 0.01
CA ARG A 92 43.54 19.14 -1.11
C ARG A 92 42.92 17.92 -1.79
N ASN A 93 43.52 16.74 -1.59
CA ASN A 93 42.91 15.48 -2.01
C ASN A 93 42.40 14.67 -0.80
N LEU A 94 41.79 15.35 0.17
CA LEU A 94 41.24 14.70 1.36
C LEU A 94 40.13 13.71 0.98
N LYS A 95 40.22 12.50 1.48
CA LYS A 95 39.14 11.51 1.29
C LYS A 95 38.62 11.01 2.61
N LEU A 96 37.29 10.87 2.70
CA LEU A 96 36.62 10.27 3.83
C LEU A 96 36.36 8.81 3.52
N ILE A 97 36.86 7.91 4.35
CA ILE A 97 36.63 6.48 4.15
C ILE A 97 35.54 6.02 5.12
N MET A 98 34.50 5.40 4.57
CA MET A 98 33.38 4.91 5.35
C MET A 98 33.12 3.44 5.00
N GLU A 99 32.38 2.76 5.86
CA GLU A 99 31.87 1.41 5.55
C GLU A 99 31.04 1.49 4.27
N TYR A 100 31.19 0.48 3.41
CA TYR A 100 30.36 0.32 2.21
C TYR A 100 29.08 -0.49 2.57
N LEU A 101 27.93 0.09 2.26
CA LEU A 101 26.64 -0.58 2.47
C LEU A 101 26.16 -1.11 1.12
N PRO A 102 25.90 -2.43 1.05
CA PRO A 102 25.82 -3.09 -0.26
C PRO A 102 24.48 -2.91 -1.00
N TYR A 103 23.45 -2.48 -0.31
CA TYR A 103 22.15 -2.31 -0.97
C TYR A 103 21.87 -0.92 -1.54
N GLY A 104 22.80 0.01 -1.40
CA GLY A 104 22.64 1.34 -2.02
C GLY A 104 21.70 2.26 -1.27
N SER A 105 21.25 3.32 -1.92
CA SER A 105 20.34 4.27 -1.27
C SER A 105 18.98 3.63 -1.11
N LEU A 106 18.28 4.00 -0.04
CA LEU A 106 16.90 3.61 0.14
C LEU A 106 16.03 4.07 -1.01
N ARG A 107 16.28 5.26 -1.54
CA ARG A 107 15.54 5.72 -2.71
CA ARG A 107 15.59 5.74 -2.73
C ARG A 107 15.59 4.67 -3.83
N ASP A 108 16.79 4.22 -4.17
CA ASP A 108 16.98 3.29 -5.27
C ASP A 108 16.46 1.92 -4.90
N TYR A 109 16.72 1.49 -3.66
CA TYR A 109 16.31 0.18 -3.19
C TYR A 109 14.79 0.03 -3.25
N LEU A 110 14.10 1.04 -2.72
CA LEU A 110 12.64 1.03 -2.67
C LEU A 110 12.05 0.94 -4.07
N GLN A 111 12.54 1.80 -4.95
CA GLN A 111 12.16 1.81 -6.34
C GLN A 111 12.33 0.42 -6.99
N LYS A 112 13.47 -0.23 -6.75
CA LYS A 112 13.73 -1.57 -7.32
C LYS A 112 12.95 -2.70 -6.69
N HIS A 113 12.63 -2.61 -5.40
CA HIS A 113 11.95 -3.73 -4.70
C HIS A 113 10.54 -3.40 -4.20
N LYS A 114 9.84 -2.51 -4.90
CA LYS A 114 8.52 -2.05 -4.42
C LYS A 114 7.54 -3.19 -4.13
N GLU A 115 7.61 -4.26 -4.91
CA GLU A 115 6.72 -5.44 -4.72
C GLU A 115 7.03 -6.21 -3.43
N ARG A 116 8.29 -6.18 -3.00
CA ARG A 116 8.76 -6.90 -1.80
C ARG A 116 8.60 -6.13 -0.49
N ILE A 117 8.52 -4.81 -0.57
CA ILE A 117 8.54 -3.98 0.64
C ILE A 117 7.10 -3.57 1.01
N ASP A 118 6.56 -4.13 2.08
CA ASP A 118 5.23 -3.74 2.53
C ASP A 118 5.28 -2.52 3.44
N HIS A 119 4.10 -2.07 3.86
CA HIS A 119 3.97 -0.93 4.78
C HIS A 119 4.61 -1.20 6.14
N ILE A 120 4.51 -2.42 6.65
CA ILE A 120 5.17 -2.81 7.91
C ILE A 120 6.67 -2.57 7.78
N LYS A 121 7.24 -2.95 6.65
CA LYS A 121 8.66 -2.76 6.40
C LYS A 121 9.03 -1.25 6.27
N LEU A 122 8.21 -0.46 5.58
CA LEU A 122 8.44 1.00 5.46
C LEU A 122 8.45 1.63 6.86
N LEU A 123 7.62 1.12 7.77
CA LEU A 123 7.58 1.69 9.10
C LEU A 123 8.79 1.29 9.94
N GLN A 124 9.39 0.13 9.66
CA GLN A 124 10.66 -0.26 10.27
C GLN A 124 11.76 0.72 9.87
N TYR A 125 11.79 1.07 8.60
CA TYR A 125 12.78 1.99 8.11
C TYR A 125 12.55 3.36 8.73
N THR A 126 11.31 3.79 8.73
CA THR A 126 10.92 5.06 9.34
C THR A 126 11.36 5.16 10.79
N SER A 127 11.11 4.11 11.55
CA SER A 127 11.49 4.05 12.93
C SER A 127 13.00 4.17 13.11
N GLN A 128 13.74 3.52 12.23
CA GLN A 128 15.18 3.49 12.34
C GLN A 128 15.72 4.88 11.98
N ILE A 129 15.07 5.55 11.04
CA ILE A 129 15.49 6.89 10.64
C ILE A 129 15.24 7.85 11.82
N CYS A 130 14.06 7.79 12.45
CA CYS A 130 13.79 8.55 13.67
C CYS A 130 14.83 8.36 14.80
N LYS A 131 15.24 7.12 15.04
CA LYS A 131 16.25 6.86 16.09
C LYS A 131 17.59 7.49 15.78
N GLY A 132 18.04 7.35 14.54
CA GLY A 132 19.23 8.06 14.07
C GLY A 132 19.16 9.57 14.25
N MET A 133 18.05 10.17 13.84
CA MET A 133 17.82 11.61 14.00
C MET A 133 17.70 12.04 15.45
N GLU A 134 17.08 11.22 16.31
CA GLU A 134 17.01 11.59 17.71
C GLU A 134 18.43 11.64 18.28
N TYR A 135 19.25 10.66 17.92
CA TYR A 135 20.63 10.66 18.37
C TYR A 135 21.39 11.89 17.87
N LEU A 136 21.25 12.25 16.60
CA LEU A 136 21.90 13.46 16.15
C LEU A 136 21.52 14.65 17.00
N GLY A 137 20.22 14.78 17.26
CA GLY A 137 19.63 15.81 18.13
C GLY A 137 20.27 15.90 19.50
N THR A 138 20.64 14.78 20.10
CA THR A 138 21.32 14.81 21.37
C THR A 138 22.72 15.42 21.29
N LYS A 139 23.27 15.52 20.09
CA LYS A 139 24.57 16.15 19.91
C LYS A 139 24.44 17.58 19.38
N ARG A 140 23.19 18.03 19.29
CA ARG A 140 22.83 19.35 18.76
CA ARG A 140 22.85 19.35 18.77
C ARG A 140 23.24 19.53 17.30
N TYR A 141 23.22 18.43 16.55
CA TYR A 141 23.49 18.44 15.13
C TYR A 141 22.18 18.55 14.36
N ILE A 142 22.21 19.42 13.37
CA ILE A 142 21.08 19.63 12.48
C ILE A 142 21.49 19.09 11.12
N HIS A 143 20.76 18.10 10.65
CA HIS A 143 21.14 17.35 9.47
C HIS A 143 21.06 18.17 8.19
N ARG A 144 19.92 18.83 7.97
CA ARG A 144 19.72 19.79 6.89
C ARG A 144 19.50 19.22 5.49
N ASP A 145 19.55 17.91 5.36
CA ASP A 145 19.42 17.26 4.04
C ASP A 145 18.76 15.87 4.14
N LEU A 146 17.80 15.70 5.04
CA LEU A 146 17.08 14.43 5.18
CA LEU A 146 17.12 14.42 5.18
C LEU A 146 16.27 14.17 3.91
N ALA A 147 16.57 13.09 3.23
CA ALA A 147 15.87 12.69 2.01
C ALA A 147 16.22 11.22 1.77
N THR A 148 15.38 10.45 1.10
CA THR A 148 15.73 9.04 0.89
C THR A 148 17.04 8.77 0.12
N ARG A 149 17.43 9.68 -0.76
CA ARG A 149 18.71 9.57 -1.50
C ARG A 149 19.90 9.57 -0.52
N ASN A 150 19.72 10.07 0.70
CA ASN A 150 20.81 10.12 1.71
C ASN A 150 20.69 9.07 2.80
N ILE A 151 19.76 8.16 2.65
CA ILE A 151 19.57 7.03 3.56
CA ILE A 151 19.60 7.03 3.56
C ILE A 151 20.09 5.81 2.82
N LEU A 152 20.84 4.95 3.50
CA LEU A 152 21.46 3.77 2.91
C LEU A 152 20.94 2.48 3.52
N VAL A 153 21.01 1.42 2.74
CA VAL A 153 20.47 0.14 3.14
C VAL A 153 21.62 -0.82 3.37
N GLU A 154 21.78 -1.25 4.64
CA GLU A 154 22.79 -2.24 5.00
C GLU A 154 22.30 -3.66 4.68
N ASN A 155 21.03 -3.93 5.00
CA ASN A 155 20.38 -5.17 4.65
C ASN A 155 18.88 -4.90 4.68
N GLU A 156 18.11 -5.97 4.48
CA GLU A 156 16.64 -5.83 4.40
C GLU A 156 16.03 -5.30 5.68
N ASN A 157 16.71 -5.49 6.81
CA ASN A 157 16.20 -5.03 8.11
C ASN A 157 16.88 -3.81 8.74
N ARG A 158 17.84 -3.19 8.04
CA ARG A 158 18.59 -2.06 8.62
CA ARG A 158 18.59 -2.06 8.62
C ARG A 158 18.93 -1.00 7.59
N VAL A 159 18.52 0.21 7.86
CA VAL A 159 18.97 1.40 7.10
C VAL A 159 19.80 2.31 8.01
N LYS A 160 20.59 3.17 7.37
CA LYS A 160 21.43 4.12 8.06
C LYS A 160 21.40 5.46 7.36
N ILE A 161 21.41 6.53 8.15
CA ILE A 161 21.70 7.87 7.59
C ILE A 161 23.12 7.83 7.09
N GLY A 162 23.31 8.16 5.82
CA GLY A 162 24.56 7.84 5.15
C GLY A 162 25.37 9.02 4.61
N ASP A 163 24.88 10.23 4.80
CA ASP A 163 25.60 11.42 4.33
C ASP A 163 25.33 12.60 5.25
N PHE A 164 26.37 13.38 5.53
CA PHE A 164 26.30 14.51 6.44
C PHE A 164 26.90 15.81 5.88
N GLY A 165 26.82 15.93 4.55
CA GLY A 165 27.43 17.04 3.84
C GLY A 165 26.97 18.41 4.27
N LEU A 166 25.72 18.54 4.73
CA LEU A 166 25.14 19.85 5.04
C LEU A 166 24.88 20.01 6.54
N THR A 167 25.34 19.04 7.35
CA THR A 167 25.02 19.00 8.76
C THR A 167 25.79 20.09 9.54
N LYS A 168 25.09 20.81 10.42
CA LYS A 168 25.67 21.88 11.22
C LYS A 168 25.44 21.62 12.70
N VAL A 169 26.30 22.19 13.52
CA VAL A 169 26.14 22.15 14.97
C VAL A 169 25.40 23.43 15.39
N LEU A 170 24.39 23.29 16.23
CA LEU A 170 23.72 24.45 16.78
C LEU A 170 24.70 25.31 17.59
N PRO A 171 24.55 26.64 17.53
CA PRO A 171 25.30 27.42 18.54
C PRO A 171 24.86 27.01 19.95
N GLN A 172 25.70 27.25 20.93
CA GLN A 172 25.39 26.85 22.31
C GLN A 172 24.12 27.55 22.87
N ASP A 173 23.85 28.78 22.43
CA ASP A 173 22.81 29.62 23.03
C ASP A 173 21.53 29.79 22.18
N LYS A 174 21.38 29.04 21.11
CA LYS A 174 20.21 29.21 20.23
C LYS A 174 19.69 27.86 19.78
N GLU A 175 18.40 27.80 19.44
CA GLU A 175 17.78 26.58 18.94
C GLU A 175 17.67 26.47 17.42
N PTR A 176 18.29 27.44 16.73
CA PTR A 176 18.31 27.43 15.28
C PTR A 176 19.67 27.91 14.79
O PTR A 176 20.40 28.58 15.54
CB PTR A 176 17.17 28.26 14.69
CG PTR A 176 17.24 29.72 15.06
CD1 PTR A 176 18.05 30.60 14.35
CD2 PTR A 176 16.47 30.24 16.11
CE1 PTR A 176 18.12 31.93 14.66
CE2 PTR A 176 16.55 31.59 16.44
CZ PTR A 176 17.37 32.43 15.70
OH PTR A 176 17.51 33.65 15.94
P PTR A 176 16.34 34.67 16.29
O1P PTR A 176 16.91 36.03 16.16
O2P PTR A 176 15.93 34.46 17.75
O3P PTR A 176 15.12 34.52 15.36
N PTR A 177 19.98 27.57 13.55
CA PTR A 177 21.23 27.95 12.91
C PTR A 177 20.89 28.52 11.54
O PTR A 177 20.17 27.88 10.75
CB PTR A 177 22.23 26.79 12.88
CG PTR A 177 23.58 27.26 12.40
CD1 PTR A 177 24.25 28.27 13.08
CD2 PTR A 177 24.14 26.77 11.22
CE1 PTR A 177 25.46 28.75 12.64
CE2 PTR A 177 25.36 27.25 10.76
CZ PTR A 177 26.03 28.21 11.49
OH PTR A 177 27.09 28.70 11.12
P PTR A 177 28.43 27.92 10.72
O1P PTR A 177 28.31 27.51 9.30
O2P PTR A 177 28.65 26.69 11.61
O3P PTR A 177 29.51 28.99 10.95
N LYS A 178 21.37 29.74 11.27
CA LYS A 178 21.13 30.38 9.99
C LYS A 178 22.26 30.10 8.99
N VAL A 179 21.93 29.56 7.84
CA VAL A 179 22.95 29.30 6.84
C VAL A 179 22.40 29.49 5.44
N LYS A 180 23.24 30.02 4.57
CA LYS A 180 22.89 30.17 3.17
C LYS A 180 24.14 29.82 2.38
N GLU A 181 24.14 28.63 1.79
CA GLU A 181 25.28 28.18 0.98
C GLU A 181 25.06 28.55 -0.49
N PRO A 182 26.14 28.75 -1.25
CA PRO A 182 25.92 29.02 -2.69
C PRO A 182 25.26 27.85 -3.45
N GLY A 183 24.52 28.18 -4.50
CA GLY A 183 24.01 27.18 -5.43
C GLY A 183 22.69 26.56 -5.04
N GLU A 184 22.46 25.32 -5.49
CA GLU A 184 21.14 24.71 -5.41
C GLU A 184 20.87 24.06 -4.07
N SER A 185 19.72 24.41 -3.50
CA SER A 185 19.24 23.86 -2.26
C SER A 185 18.07 22.92 -2.56
N PRO A 186 17.93 21.84 -1.78
CA PRO A 186 16.79 20.93 -1.95
C PRO A 186 15.49 21.55 -1.41
N ILE A 187 15.02 22.59 -2.08
CA ILE A 187 13.93 23.39 -1.57
C ILE A 187 12.64 22.62 -1.33
N PHE A 188 12.44 21.50 -2.02
CA PHE A 188 11.17 20.78 -1.89
C PHE A 188 11.11 19.87 -0.67
N TRP A 189 12.22 19.77 0.07
CA TRP A 189 12.28 19.13 1.38
C TRP A 189 12.35 20.15 2.53
N TYR A 190 12.40 21.44 2.23
CA TYR A 190 12.66 22.46 3.24
C TYR A 190 11.42 22.99 3.96
N ALA A 191 11.59 23.24 5.23
CA ALA A 191 10.58 23.90 6.04
C ALA A 191 10.45 25.34 5.55
N PRO A 192 9.27 25.95 5.76
CA PRO A 192 9.03 27.33 5.32
C PRO A 192 10.02 28.32 5.90
N GLU A 193 10.34 28.16 7.19
CA GLU A 193 11.25 29.09 7.85
C GLU A 193 12.69 28.91 7.32
N SER A 194 12.99 27.75 6.72
CA SER A 194 14.31 27.56 6.10
C SER A 194 14.36 28.27 4.73
N LEU A 195 13.23 28.30 4.04
CA LEU A 195 13.07 29.00 2.78
C LEU A 195 13.04 30.51 2.94
N THR A 196 12.34 30.99 3.96
CA THR A 196 12.10 32.42 4.09
C THR A 196 13.17 33.08 4.94
N GLU A 197 13.71 32.35 5.92
CA GLU A 197 14.62 32.96 6.88
C GLU A 197 15.97 32.28 6.97
N SER A 198 16.15 31.18 6.24
CA SER A 198 17.36 30.34 6.30
C SER A 198 17.63 29.77 7.69
N LYS A 199 16.56 29.57 8.45
CA LYS A 199 16.69 29.03 9.81
C LYS A 199 16.63 27.52 9.77
N PHE A 200 17.65 26.85 10.30
CA PHE A 200 17.62 25.38 10.39
C PHE A 200 17.62 24.97 11.84
N SER A 201 16.93 23.89 12.14
CA SER A 201 16.65 23.49 13.52
C SER A 201 16.27 22.03 13.53
N VAL A 202 16.19 21.48 14.72
CA VAL A 202 15.66 20.13 14.86
C VAL A 202 14.25 20.12 14.25
N ALA A 203 13.49 21.18 14.47
CA ALA A 203 12.13 21.25 13.93
C ALA A 203 12.13 21.25 12.40
N SER A 204 13.15 21.84 11.74
CA SER A 204 13.16 21.86 10.28
C SER A 204 13.53 20.45 9.79
N ASP A 205 14.39 19.76 10.52
CA ASP A 205 14.70 18.34 10.24
C ASP A 205 13.43 17.48 10.35
N VAL A 206 12.53 17.81 11.28
CA VAL A 206 11.27 17.07 11.47
C VAL A 206 10.34 17.32 10.26
N TRP A 207 10.34 18.53 9.74
CA TRP A 207 9.61 18.83 8.55
C TRP A 207 10.07 17.95 7.38
N SER A 208 11.39 17.96 7.15
CA SER A 208 12.01 17.12 6.13
C SER A 208 11.74 15.63 6.34
N PHE A 209 11.70 15.20 7.60
CA PHE A 209 11.41 13.80 7.90
C PHE A 209 10.02 13.49 7.36
N GLY A 210 9.10 14.43 7.51
CA GLY A 210 7.77 14.34 6.91
C GLY A 210 7.81 14.09 5.41
N VAL A 211 8.71 14.78 4.72
CA VAL A 211 8.89 14.57 3.32
C VAL A 211 9.49 13.19 3.06
N VAL A 212 10.39 12.71 3.91
CA VAL A 212 10.93 11.37 3.74
C VAL A 212 9.85 10.30 3.84
N LEU A 213 8.95 10.49 4.79
CA LEU A 213 7.87 9.57 5.01
C LEU A 213 6.93 9.57 3.80
N TYR A 214 6.66 10.74 3.25
CA TYR A 214 5.91 10.87 2.01
C TYR A 214 6.62 10.08 0.90
N GLU A 215 7.93 10.30 0.76
CA GLU A 215 8.71 9.66 -0.31
C GLU A 215 8.54 8.13 -0.22
N LEU A 216 8.72 7.61 0.99
CA LEU A 216 8.63 6.18 1.21
C LEU A 216 7.26 5.64 0.77
N PHE A 217 6.21 6.27 1.23
CA PHE A 217 4.85 5.78 0.90
C PHE A 217 4.44 6.00 -0.57
N THR A 218 5.14 6.87 -1.30
CA THR A 218 4.96 6.95 -2.77
C THR A 218 5.71 5.84 -3.51
N TYR A 219 6.58 5.10 -2.81
CA TYR A 219 7.40 4.07 -3.42
C TYR A 219 8.31 4.66 -4.53
N ILE A 220 8.63 5.95 -4.41
CA ILE A 220 9.45 6.68 -5.37
C ILE A 220 8.88 6.57 -6.78
N GLU A 221 7.55 6.66 -6.90
CA GLU A 221 6.94 6.79 -8.22
C GLU A 221 7.30 8.18 -8.79
N LYS A 222 7.78 8.22 -10.04
CA LYS A 222 8.42 9.42 -10.64
C LYS A 222 7.54 10.67 -10.64
N SER A 223 6.34 10.52 -11.18
CA SER A 223 5.41 11.63 -11.17
C SER A 223 4.94 12.04 -9.77
N LYS A 224 5.31 11.28 -8.73
CA LYS A 224 4.84 11.57 -7.37
C LYS A 224 5.91 12.16 -6.44
N SER A 225 7.12 12.44 -6.97
CA SER A 225 8.20 12.98 -6.11
C SER A 225 7.78 14.38 -5.62
N PRO A 226 8.34 14.83 -4.48
CA PRO A 226 8.03 16.18 -4.01
C PRO A 226 8.27 17.30 -5.06
N PRO A 227 9.42 17.29 -5.78
CA PRO A 227 9.55 18.28 -6.84
C PRO A 227 8.40 18.26 -7.84
N ALA A 228 8.06 17.07 -8.36
CA ALA A 228 7.01 16.98 -9.38
C ALA A 228 5.63 17.42 -8.86
N GLU A 229 5.26 17.05 -7.63
CA GLU A 229 3.97 17.45 -7.04
C GLU A 229 3.88 18.95 -6.78
N PHE A 230 4.90 19.51 -6.14
CA PHE A 230 4.89 20.94 -5.85
C PHE A 230 4.88 21.80 -7.12
N MET A 231 5.61 21.36 -8.16
CA MET A 231 5.67 22.10 -9.41
C MET A 231 4.28 22.13 -10.04
N ARG A 232 3.60 20.98 -10.08
CA ARG A 232 2.20 20.94 -10.56
C ARG A 232 1.30 21.88 -9.76
N MET A 233 1.42 21.85 -8.43
CA MET A 233 0.62 22.73 -7.56
C MET A 233 0.97 24.21 -7.78
N ILE A 234 2.25 24.48 -8.04
CA ILE A 234 2.73 25.84 -8.30
C ILE A 234 2.34 26.31 -9.71
N GLY A 235 2.25 25.36 -10.63
CA GLY A 235 2.05 25.65 -12.04
C GLY A 235 3.41 25.52 -12.71
N ASN A 236 3.52 24.54 -13.61
CA ASN A 236 4.79 24.26 -14.30
C ASN A 236 5.25 25.39 -15.24
N ASP A 237 4.38 26.38 -15.45
CA ASP A 237 4.71 27.59 -16.23
C ASP A 237 5.49 28.62 -15.39
N LYS A 238 6.42 28.14 -14.56
CA LYS A 238 7.27 28.98 -13.70
C LYS A 238 8.67 28.34 -13.55
N GLN A 239 9.70 29.18 -13.47
CA GLN A 239 11.10 28.72 -13.42
C GLN A 239 12.01 29.71 -12.66
N GLY A 240 13.26 29.29 -12.41
CA GLY A 240 14.27 30.17 -11.81
C GLY A 240 13.98 30.66 -10.40
N GLN A 241 14.12 31.98 -10.18
CA GLN A 241 14.01 32.56 -8.84
C GLN A 241 12.55 32.83 -8.41
N MET A 242 11.59 32.56 -9.29
CA MET A 242 10.17 32.64 -8.93
C MET A 242 9.61 31.32 -8.40
N ILE A 243 10.40 30.24 -8.44
CA ILE A 243 9.91 28.94 -7.97
C ILE A 243 9.81 28.94 -6.45
N VAL A 244 10.88 29.35 -5.77
CA VAL A 244 10.88 29.42 -4.32
C VAL A 244 9.90 30.47 -3.81
N PHE A 245 9.70 31.56 -4.54
CA PHE A 245 8.69 32.54 -4.14
C PHE A 245 7.30 31.91 -4.11
N HIS A 246 7.00 31.10 -5.12
CA HIS A 246 5.68 30.50 -5.20
C HIS A 246 5.53 29.34 -4.22
N LEU A 247 6.64 28.65 -3.94
CA LEU A 247 6.63 27.56 -2.96
C LEU A 247 6.29 28.11 -1.58
N ILE A 248 6.89 29.24 -1.23
CA ILE A 248 6.67 29.86 0.06
C ILE A 248 5.21 30.23 0.22
N GLU A 249 4.62 30.81 -0.82
CA GLU A 249 3.21 31.21 -0.79
C GLU A 249 2.30 29.99 -0.66
N LEU A 250 2.59 28.94 -1.44
CA LEU A 250 1.79 27.72 -1.39
C LEU A 250 1.81 27.15 0.04
N LEU A 251 2.98 27.03 0.65
CA LEU A 251 3.08 26.49 2.01
C LEU A 251 2.43 27.39 3.08
N LYS A 252 2.60 28.71 2.94
CA LYS A 252 1.98 29.68 3.83
C LYS A 252 0.44 29.52 3.85
N ASN A 253 -0.14 29.20 2.70
CA ASN A 253 -1.59 28.97 2.60
C ASN A 253 -1.98 27.51 2.82
N ASN A 254 -1.10 26.73 3.44
CA ASN A 254 -1.38 25.35 3.83
C ASN A 254 -1.59 24.35 2.69
N GLY A 255 -1.13 24.73 1.50
CA GLY A 255 -0.92 23.75 0.44
C GLY A 255 0.14 22.73 0.85
N ARG A 256 -0.14 21.45 0.56
CA ARG A 256 0.69 20.35 1.02
C ARG A 256 0.72 19.21 0.02
N LEU A 257 1.75 18.38 0.11
CA LEU A 257 1.87 17.15 -0.66
C LEU A 257 0.67 16.28 -0.33
N PRO A 258 0.06 15.67 -1.36
CA PRO A 258 -1.14 14.84 -1.17
C PRO A 258 -0.84 13.55 -0.41
N ARG A 259 -1.88 12.87 0.07
CA ARG A 259 -1.66 11.55 0.67
C ARG A 259 -1.21 10.59 -0.43
N PRO A 260 -0.07 9.88 -0.25
CA PRO A 260 0.24 8.94 -1.33
C PRO A 260 -0.80 7.82 -1.53
N ASP A 261 -0.81 7.23 -2.72
CA ASP A 261 -1.72 6.13 -3.04
C ASP A 261 -1.47 4.98 -2.07
N GLY A 262 -2.55 4.53 -1.44
CA GLY A 262 -2.52 3.45 -0.46
C GLY A 262 -2.09 3.82 0.95
N CYS A 263 -1.63 5.06 1.16
CA CYS A 263 -1.14 5.45 2.46
C CYS A 263 -2.32 5.53 3.45
N PRO A 264 -2.20 4.88 4.61
CA PRO A 264 -3.23 4.99 5.64
C PRO A 264 -3.34 6.40 6.24
N ASP A 265 -4.52 6.74 6.71
CA ASP A 265 -4.70 8.09 7.22
C ASP A 265 -3.91 8.38 8.46
N GLU A 266 -3.70 7.38 9.30
CA GLU A 266 -2.90 7.57 10.50
C GLU A 266 -1.44 7.86 10.19
N ILE A 267 -0.95 7.44 9.01
CA ILE A 267 0.45 7.69 8.61
C ILE A 267 0.51 9.02 7.92
N TYR A 268 -0.52 9.35 7.13
CA TYR A 268 -0.61 10.68 6.54
C TYR A 268 -0.72 11.78 7.62
N MET A 269 -1.45 11.50 8.72
CA MET A 269 -1.57 12.41 9.87
CA MET A 269 -1.58 12.44 9.83
C MET A 269 -0.21 12.76 10.43
N ILE A 270 0.67 11.77 10.51
CA ILE A 270 2.05 12.00 10.96
C ILE A 270 2.75 12.98 10.04
N MET A 271 2.64 12.76 8.73
CA MET A 271 3.30 13.65 7.77
C MET A 271 2.78 15.07 7.96
N THR A 272 1.45 15.23 8.01
CA THR A 272 0.85 16.57 8.08
C THR A 272 1.24 17.30 9.36
N GLU A 273 1.46 16.55 10.45
CA GLU A 273 1.88 17.15 11.69
C GLU A 273 3.35 17.62 11.69
N CYS A 274 4.21 16.91 10.94
CA CYS A 274 5.58 17.34 10.66
C CYS A 274 5.59 18.61 9.81
N TRP A 275 4.58 18.74 8.94
CA TRP A 275 4.46 19.89 8.06
C TRP A 275 3.59 21.01 8.67
N ASN A 276 3.78 21.28 9.95
CA ASN A 276 3.13 22.41 10.59
C ASN A 276 3.90 23.70 10.24
N ASN A 277 3.22 24.76 9.82
CA ASN A 277 3.86 26.08 9.71
C ASN A 277 4.42 26.57 11.04
N ASN A 278 3.77 26.21 12.14
CA ASN A 278 4.22 26.63 13.46
C ASN A 278 5.34 25.71 13.91
N VAL A 279 6.56 26.25 13.87
CA VAL A 279 7.76 25.48 14.14
C VAL A 279 7.63 24.69 15.44
N ASN A 280 7.13 25.35 16.47
CA ASN A 280 7.06 24.77 17.79
C ASN A 280 6.03 23.66 17.97
N GLN A 281 5.08 23.52 17.05
CA GLN A 281 4.06 22.47 17.15
C GLN A 281 4.40 21.17 16.40
N ARG A 282 5.56 21.12 15.72
CA ARG A 282 5.95 19.89 15.05
C ARG A 282 6.34 18.88 16.15
N PRO A 283 6.04 17.60 15.96
CA PRO A 283 6.38 16.62 17.01
C PRO A 283 7.90 16.42 17.17
N SER A 284 8.30 15.83 18.27
CA SER A 284 9.71 15.50 18.47
C SER A 284 10.03 14.18 17.76
N PHE A 285 11.32 13.91 17.52
CA PHE A 285 11.72 12.66 16.91
C PHE A 285 11.37 11.48 17.85
N ARG A 286 11.46 11.68 19.16
CA ARG A 286 11.06 10.62 20.09
C ARG A 286 9.58 10.29 20.02
N ASP A 287 8.74 11.31 19.92
CA ASP A 287 7.30 11.09 19.75
C ASP A 287 6.94 10.50 18.38
N LEU A 288 7.66 10.87 17.32
CA LEU A 288 7.52 10.20 16.02
C LEU A 288 7.83 8.70 16.14
N ALA A 289 8.96 8.34 16.76
CA ALA A 289 9.33 6.92 16.93
C ALA A 289 8.22 6.19 17.68
N LEU A 290 7.72 6.82 18.74
CA LEU A 290 6.62 6.26 19.54
C LEU A 290 5.40 6.01 18.71
N ARG A 291 4.96 7.01 17.98
CA ARG A 291 3.72 6.86 17.21
CA ARG A 291 3.75 6.91 17.15
C ARG A 291 3.91 5.82 16.11
N VAL A 292 5.06 5.83 15.41
CA VAL A 292 5.34 4.86 14.36
C VAL A 292 5.38 3.44 14.88
N ASP A 293 6.02 3.23 16.02
CA ASP A 293 6.08 1.90 16.62
C ASP A 293 4.71 1.40 17.06
N GLN A 294 3.83 2.29 17.53
CA GLN A 294 2.47 1.86 17.88
C GLN A 294 1.70 1.40 16.65
N ILE A 295 1.78 2.17 15.59
CA ILE A 295 1.14 1.81 14.34
C ILE A 295 1.70 0.49 13.85
N ARG A 296 3.03 0.33 13.88
CA ARG A 296 3.67 -0.93 13.50
C ARG A 296 3.07 -2.10 14.24
N ASP A 297 2.94 -1.97 15.56
CA ASP A 297 2.37 -3.03 16.41
C ASP A 297 0.94 -3.36 16.06
N ASN A 298 0.10 -2.33 15.94
CA ASN A 298 -1.30 -2.53 15.56
C ASN A 298 -1.42 -3.22 14.21
N MET A 299 -0.41 -3.08 13.35
CA MET A 299 -0.38 -3.83 12.10
C MET A 299 0.14 -5.26 12.29
N ALA A 300 1.05 -5.44 13.25
CA ALA A 300 1.59 -6.77 13.55
C ALA A 300 0.47 -7.71 14.00
N GLY A 301 -0.11 -7.45 15.18
CA GLY A 301 -1.25 -8.22 15.68
C GLY A 301 -0.94 -9.65 16.10
N PHE B 5 -33.83 -34.77 22.18
CA PHE B 5 -34.16 -36.05 21.50
C PHE B 5 -32.92 -36.67 20.86
N GLU B 6 -32.98 -37.99 20.68
CA GLU B 6 -31.92 -38.80 20.03
C GLU B 6 -30.51 -38.16 20.06
N ASP B 7 -29.98 -37.77 18.89
CA ASP B 7 -28.78 -36.92 18.80
C ASP B 7 -29.16 -35.75 17.87
N ARG B 8 -29.59 -34.67 18.50
CA ARG B 8 -30.32 -33.58 17.85
C ARG B 8 -29.38 -32.68 17.06
N ASP B 9 -29.78 -32.33 15.82
CA ASP B 9 -28.96 -31.45 14.97
C ASP B 9 -29.78 -30.71 13.91
N PRO B 10 -30.26 -29.49 14.24
CA PRO B 10 -30.97 -28.60 13.32
C PRO B 10 -30.13 -28.19 12.11
N THR B 11 -28.82 -28.45 12.17
CA THR B 11 -27.89 -28.28 11.06
C THR B 11 -27.93 -29.41 10.01
N GLN B 12 -28.67 -30.48 10.29
CA GLN B 12 -28.82 -31.56 9.32
C GLN B 12 -30.20 -31.47 8.72
N PHE B 13 -30.26 -31.22 7.42
CA PHE B 13 -31.53 -31.18 6.73
C PHE B 13 -31.73 -32.50 6.00
N GLU B 14 -32.94 -33.02 6.08
CA GLU B 14 -33.32 -34.24 5.36
C GLU B 14 -33.88 -33.89 3.97
N GLU B 15 -33.32 -34.47 2.92
CA GLU B 15 -33.74 -34.20 1.54
C GLU B 15 -35.24 -34.37 1.33
N ARG B 16 -35.81 -35.39 1.96
CA ARG B 16 -37.23 -35.70 1.80
C ARG B 16 -38.12 -34.52 2.18
N HIS B 17 -37.62 -33.62 3.04
CA HIS B 17 -38.44 -32.50 3.54
C HIS B 17 -38.11 -31.18 2.86
N LEU B 18 -37.13 -31.18 1.96
CA LEU B 18 -36.80 -29.97 1.18
C LEU B 18 -37.73 -29.88 -0.04
N LYS B 19 -38.67 -28.93 -0.02
CA LYS B 19 -39.62 -28.75 -1.12
C LYS B 19 -39.13 -27.69 -2.07
N PHE B 20 -38.93 -28.08 -3.32
CA PHE B 20 -38.32 -27.18 -4.29
C PHE B 20 -39.31 -26.09 -4.62
N LEU B 21 -38.87 -24.82 -4.70
CA LEU B 21 -39.76 -23.72 -5.11
C LEU B 21 -39.30 -23.11 -6.42
N GLN B 22 -38.03 -22.69 -6.48
CA GLN B 22 -37.45 -22.26 -7.77
C GLN B 22 -35.95 -22.13 -7.78
N GLN B 23 -35.43 -22.03 -8.99
CA GLN B 23 -34.03 -21.78 -9.24
C GLN B 23 -33.67 -20.34 -8.96
N LEU B 24 -32.46 -20.16 -8.42
CA LEU B 24 -31.94 -18.85 -8.08
C LEU B 24 -30.69 -18.48 -8.91
N GLY B 25 -29.91 -19.46 -9.37
CA GLY B 25 -28.76 -19.17 -10.23
C GLY B 25 -27.70 -20.26 -10.32
N LYS B 26 -26.78 -20.10 -11.26
CA LYS B 26 -25.69 -21.06 -11.49
C LYS B 26 -24.35 -20.36 -11.48
N GLY B 27 -23.34 -21.06 -10.97
N GLY B 27 -23.33 -20.96 -10.88
CA GLY B 27 -21.94 -20.83 -11.35
CA GLY B 27 -22.04 -20.27 -10.70
C GLY B 27 -21.56 -21.86 -12.41
C GLY B 27 -20.89 -21.20 -10.32
N ASN B 28 -20.26 -22.02 -12.65
N ASN B 28 -19.75 -20.99 -10.95
CA ASN B 28 -19.78 -22.99 -13.63
CA ASN B 28 -18.70 -22.00 -10.89
C ASN B 28 -19.97 -24.45 -13.20
C ASN B 28 -19.33 -23.34 -11.27
N PHE B 29 -19.90 -24.71 -11.89
N PHE B 29 -19.11 -24.39 -10.50
CA PHE B 29 -20.04 -26.06 -11.33
CA PHE B 29 -19.64 -25.72 -10.87
C PHE B 29 -21.18 -26.22 -10.34
C PHE B 29 -20.91 -26.12 -10.13
N GLY B 30 -21.71 -25.12 -9.81
CA GLY B 30 -22.76 -25.21 -8.79
C GLY B 30 -24.03 -24.50 -9.21
N SER B 31 -25.06 -24.73 -8.41
CA SER B 31 -26.39 -24.24 -8.68
C SER B 31 -27.05 -23.97 -7.32
N VAL B 32 -27.83 -22.91 -7.24
CA VAL B 32 -28.56 -22.58 -6.01
C VAL B 32 -30.06 -22.52 -6.25
N GLU B 33 -30.84 -23.12 -5.35
CA GLU B 33 -32.31 -23.21 -5.42
C GLU B 33 -32.94 -22.69 -4.13
N MET B 34 -34.16 -22.19 -4.27
CA MET B 34 -34.99 -21.79 -3.17
C MET B 34 -35.84 -22.99 -2.81
N CYS B 35 -35.85 -23.36 -1.53
CA CYS B 35 -36.65 -24.46 -1.02
C CYS B 35 -37.29 -24.12 0.31
N ARG B 36 -38.37 -24.84 0.65
CA ARG B 36 -38.94 -24.77 2.00
CA ARG B 36 -38.96 -24.79 1.98
C ARG B 36 -38.66 -26.10 2.69
N TYR B 37 -38.04 -26.00 3.86
CA TYR B 37 -37.80 -27.17 4.68
C TYR B 37 -39.10 -27.37 5.41
N ASP B 38 -39.86 -28.37 4.98
CA ASP B 38 -41.25 -28.52 5.42
C ASP B 38 -41.55 -29.94 5.92
N PRO B 39 -40.91 -30.32 7.03
CA PRO B 39 -41.12 -31.66 7.60
C PRO B 39 -42.56 -31.94 7.95
N LEU B 40 -43.32 -30.92 8.36
CA LEU B 40 -44.74 -31.13 8.74
C LEU B 40 -45.67 -31.17 7.54
N GLN B 41 -45.16 -30.82 6.35
CA GLN B 41 -45.94 -30.85 5.09
C GLN B 41 -47.20 -30.00 5.13
N ASP B 42 -47.15 -28.88 5.84
CA ASP B 42 -48.29 -27.96 5.94
C ASP B 42 -47.91 -26.53 5.53
N ASN B 43 -46.76 -26.40 4.85
CA ASN B 43 -46.16 -25.09 4.49
C ASN B 43 -45.73 -24.17 5.63
N THR B 44 -45.64 -24.67 6.85
CA THR B 44 -45.15 -23.85 7.99
C THR B 44 -43.63 -23.92 8.15
N GLY B 45 -42.94 -24.76 7.38
CA GLY B 45 -41.48 -24.81 7.44
C GLY B 45 -40.77 -23.57 6.87
N GLU B 46 -39.48 -23.42 7.18
CA GLU B 46 -38.75 -22.20 6.81
C GLU B 46 -38.15 -22.28 5.40
N VAL B 47 -38.15 -21.15 4.69
CA VAL B 47 -37.59 -21.06 3.37
C VAL B 47 -36.06 -20.89 3.48
N VAL B 48 -35.31 -21.59 2.61
CA VAL B 48 -33.85 -21.61 2.65
C VAL B 48 -33.29 -21.59 1.23
N ALA B 49 -32.03 -21.22 1.09
CA ALA B 49 -31.33 -21.34 -0.19
C ALA B 49 -30.47 -22.59 -0.12
N VAL B 50 -30.50 -23.38 -1.20
CA VAL B 50 -29.80 -24.67 -1.24
C VAL B 50 -28.82 -24.67 -2.42
N LYS B 51 -27.53 -24.85 -2.12
CA LYS B 51 -26.49 -24.88 -3.13
C LYS B 51 -26.07 -26.36 -3.33
N LYS B 52 -25.91 -26.77 -4.60
CA LYS B 52 -25.55 -28.16 -4.96
C LYS B 52 -24.50 -28.12 -6.08
N LEU B 53 -23.70 -29.19 -6.22
CA LEU B 53 -22.78 -29.29 -7.36
C LEU B 53 -23.50 -29.86 -8.60
N GLN B 54 -23.17 -29.33 -9.77
CA GLN B 54 -23.64 -29.85 -11.03
C GLN B 54 -22.59 -30.74 -11.68
N HIS B 55 -21.35 -30.70 -11.16
CA HIS B 55 -20.26 -31.52 -11.70
C HIS B 55 -19.42 -32.10 -10.55
N SER B 56 -19.80 -33.30 -10.11
CA SER B 56 -19.31 -33.80 -8.85
C SER B 56 -18.07 -34.69 -8.99
N THR B 57 -17.02 -34.12 -9.57
CA THR B 57 -15.70 -34.76 -9.59
C THR B 57 -15.15 -34.75 -8.17
N GLU B 58 -14.24 -35.65 -7.84
CA GLU B 58 -13.61 -35.63 -6.51
C GLU B 58 -13.04 -34.27 -6.12
N GLU B 59 -12.43 -33.58 -7.08
CA GLU B 59 -11.85 -32.27 -6.85
C GLU B 59 -12.92 -31.24 -6.47
N HIS B 60 -14.02 -31.18 -7.24
CA HIS B 60 -15.09 -30.22 -6.97
C HIS B 60 -15.79 -30.54 -5.66
N LEU B 61 -15.91 -31.83 -5.36
CA LEU B 61 -16.48 -32.29 -4.08
C LEU B 61 -15.60 -31.88 -2.89
N ARG B 62 -14.29 -32.09 -2.98
CA ARG B 62 -13.38 -31.65 -1.91
CA ARG B 62 -13.37 -31.65 -1.93
C ARG B 62 -13.44 -30.13 -1.72
N ASP B 63 -13.50 -29.38 -2.82
CA ASP B 63 -13.58 -27.92 -2.74
C ASP B 63 -14.86 -27.45 -2.09
N PHE B 64 -15.96 -28.11 -2.41
CA PHE B 64 -17.28 -27.77 -1.86
C PHE B 64 -17.34 -28.05 -0.35
N GLU B 65 -16.76 -29.16 0.07
CA GLU B 65 -16.59 -29.45 1.49
C GLU B 65 -15.84 -28.30 2.19
N ARG B 66 -14.82 -27.76 1.52
CA ARG B 66 -14.05 -26.67 2.09
C ARG B 66 -14.87 -25.38 2.15
N GLU B 67 -15.67 -25.16 1.12
CA GLU B 67 -16.52 -23.99 1.06
C GLU B 67 -17.53 -24.02 2.23
N ILE B 68 -18.05 -25.21 2.53
CA ILE B 68 -19.03 -25.37 3.57
C ILE B 68 -18.40 -25.01 4.91
N GLU B 69 -17.20 -25.50 5.18
CA GLU B 69 -16.46 -25.19 6.40
C GLU B 69 -16.10 -23.72 6.53
N ILE B 70 -15.68 -23.12 5.42
CA ILE B 70 -15.50 -21.68 5.34
C ILE B 70 -16.76 -20.93 5.79
N LEU B 71 -17.90 -21.20 5.16
CA LEU B 71 -19.09 -20.42 5.45
C LEU B 71 -19.55 -20.61 6.88
N LYS B 72 -19.61 -21.87 7.30
CA LYS B 72 -19.89 -22.22 8.68
C LYS B 72 -19.08 -21.43 9.70
N SER B 73 -17.82 -21.13 9.38
CA SER B 73 -16.90 -20.45 10.29
C SER B 73 -17.07 -18.93 10.29
N LEU B 74 -17.93 -18.40 9.40
CA LEU B 74 -18.10 -16.94 9.27
C LEU B 74 -19.40 -16.54 9.97
N GLN B 75 -19.31 -15.59 10.88
CA GLN B 75 -20.47 -15.05 11.57
C GLN B 75 -20.35 -13.54 11.53
N HIS B 76 -21.07 -12.93 10.61
CA HIS B 76 -21.00 -11.49 10.39
C HIS B 76 -22.30 -11.01 9.75
N ASP B 77 -22.74 -9.82 10.14
CA ASP B 77 -23.97 -9.23 9.59
C ASP B 77 -23.99 -9.06 8.09
N ASN B 78 -22.81 -8.97 7.46
CA ASN B 78 -22.74 -8.73 6.01
C ASN B 78 -22.16 -9.90 5.25
N ILE B 79 -22.26 -11.08 5.87
CA ILE B 79 -22.04 -12.37 5.25
C ILE B 79 -23.29 -13.28 5.38
N VAL B 80 -23.70 -13.87 4.25
CA VAL B 80 -24.84 -14.76 4.23
C VAL B 80 -24.70 -15.89 5.27
N LYS B 81 -25.80 -16.21 5.95
CA LYS B 81 -25.75 -17.19 7.06
C LYS B 81 -25.82 -18.65 6.61
N TYR B 82 -24.85 -19.43 7.08
CA TYR B 82 -24.87 -20.88 7.05
C TYR B 82 -25.99 -21.40 7.91
N LYS B 83 -26.80 -22.32 7.39
CA LYS B 83 -27.79 -23.03 8.21
C LYS B 83 -27.46 -24.50 8.44
N GLY B 84 -26.94 -25.17 7.41
CA GLY B 84 -26.55 -26.56 7.55
C GLY B 84 -26.19 -27.23 6.26
N VAL B 85 -26.27 -28.54 6.29
CA VAL B 85 -25.96 -29.36 5.14
C VAL B 85 -27.05 -30.43 4.99
N CYS B 86 -27.17 -30.95 3.78
CA CYS B 86 -28.01 -32.09 3.51
C CYS B 86 -27.16 -33.18 2.86
N TYR B 87 -27.02 -34.30 3.59
CA TYR B 87 -26.14 -35.41 3.25
C TYR B 87 -26.98 -36.66 2.93
N SER B 88 -28.30 -36.47 2.75
CA SER B 88 -29.27 -37.57 2.63
C SER B 88 -28.94 -38.56 1.51
N ALA B 89 -28.76 -38.04 0.29
CA ALA B 89 -28.35 -38.86 -0.84
C ALA B 89 -26.83 -39.19 -0.83
N GLY B 90 -26.22 -39.22 0.36
CA GLY B 90 -24.78 -39.45 0.49
C GLY B 90 -23.95 -38.21 0.26
N ARG B 91 -22.68 -38.30 0.64
CA ARG B 91 -21.70 -37.22 0.46
C ARG B 91 -21.45 -36.85 -1.02
N ARG B 92 -21.68 -37.78 -1.94
CA ARG B 92 -21.62 -37.47 -3.38
C ARG B 92 -22.79 -36.55 -3.85
N ASN B 93 -23.83 -36.41 -3.02
CA ASN B 93 -24.97 -35.52 -3.31
C ASN B 93 -25.17 -34.42 -2.23
N LEU B 94 -24.06 -34.05 -1.61
CA LEU B 94 -23.99 -33.02 -0.57
C LEU B 94 -24.62 -31.73 -1.02
N LYS B 95 -25.38 -31.09 -0.13
CA LYS B 95 -25.93 -29.76 -0.40
C LYS B 95 -25.66 -28.83 0.78
N LEU B 96 -25.45 -27.55 0.47
CA LEU B 96 -25.21 -26.49 1.47
C LEU B 96 -26.52 -25.70 1.63
N ILE B 97 -27.00 -25.64 2.87
CA ILE B 97 -28.25 -24.95 3.25
C ILE B 97 -27.88 -23.60 3.89
N MET B 98 -28.44 -22.53 3.33
CA MET B 98 -28.15 -21.16 3.73
C MET B 98 -29.42 -20.37 3.90
N GLU B 99 -29.35 -19.23 4.58
CA GLU B 99 -30.50 -18.36 4.71
C GLU B 99 -30.84 -17.87 3.32
N TYR B 100 -32.13 -17.67 3.09
CA TYR B 100 -32.64 -17.15 1.84
C TYR B 100 -32.82 -15.63 1.97
N LEU B 101 -32.22 -14.87 1.07
CA LEU B 101 -32.36 -13.43 1.04
C LEU B 101 -33.33 -13.10 -0.10
N PRO B 102 -34.45 -12.44 0.24
CA PRO B 102 -35.53 -12.36 -0.77
C PRO B 102 -35.27 -11.43 -1.96
N TYR B 103 -34.39 -10.45 -1.82
CA TYR B 103 -34.21 -9.47 -2.90
C TYR B 103 -33.14 -9.75 -3.96
N GLY B 104 -32.48 -10.89 -3.91
CA GLY B 104 -31.63 -11.29 -5.02
C GLY B 104 -30.26 -10.64 -5.00
N SER B 105 -29.59 -10.67 -6.14
CA SER B 105 -28.25 -10.16 -6.21
C SER B 105 -28.25 -8.64 -6.25
N LEU B 106 -27.18 -8.03 -5.80
CA LEU B 106 -27.06 -6.60 -5.83
C LEU B 106 -26.94 -6.13 -7.29
N ARG B 107 -26.38 -6.96 -8.15
CA ARG B 107 -26.31 -6.63 -9.57
C ARG B 107 -27.72 -6.43 -10.13
N ASP B 108 -28.64 -7.32 -9.80
CA ASP B 108 -30.02 -7.23 -10.34
C ASP B 108 -30.83 -6.13 -9.65
N TYR B 109 -30.75 -6.07 -8.32
CA TYR B 109 -31.44 -5.06 -7.54
C TYR B 109 -31.09 -3.63 -7.96
N LEU B 110 -29.81 -3.35 -8.12
CA LEU B 110 -29.36 -2.01 -8.51
C LEU B 110 -30.02 -1.48 -9.79
N GLN B 111 -30.10 -2.34 -10.82
CA GLN B 111 -30.67 -1.94 -12.12
C GLN B 111 -32.14 -1.56 -12.02
N LYS B 112 -32.97 -2.35 -11.35
CA LYS B 112 -34.38 -1.96 -11.29
C LYS B 112 -34.72 -0.88 -10.28
N HIS B 113 -33.80 -0.59 -9.36
CA HIS B 113 -34.06 0.43 -8.34
C HIS B 113 -33.19 1.69 -8.49
N LYS B 114 -32.64 1.92 -9.68
CA LYS B 114 -31.67 3.00 -9.85
C LYS B 114 -32.26 4.39 -9.56
N GLU B 115 -33.54 4.61 -9.83
CA GLU B 115 -34.19 5.89 -9.49
C GLU B 115 -34.21 6.24 -8.00
N ARG B 116 -34.20 5.25 -7.11
CA ARG B 116 -34.26 5.54 -5.69
C ARG B 116 -32.95 5.33 -4.93
N ILE B 117 -31.91 4.82 -5.59
CA ILE B 117 -30.61 4.55 -4.94
C ILE B 117 -29.69 5.70 -5.30
N ASP B 118 -29.38 6.56 -4.32
CA ASP B 118 -28.51 7.71 -4.60
C ASP B 118 -27.11 7.33 -4.18
N HIS B 119 -26.17 8.25 -4.34
CA HIS B 119 -24.77 7.94 -4.06
C HIS B 119 -24.54 7.58 -2.60
N ILE B 120 -25.24 8.26 -1.71
CA ILE B 120 -25.06 8.00 -0.30
C ILE B 120 -25.56 6.58 0.02
N LYS B 121 -26.59 6.10 -0.65
CA LYS B 121 -27.02 4.74 -0.46
C LYS B 121 -25.99 3.72 -0.98
N LEU B 122 -25.42 3.98 -2.17
CA LEU B 122 -24.41 3.12 -2.74
C LEU B 122 -23.20 3.03 -1.80
N LEU B 123 -22.89 4.12 -1.10
CA LEU B 123 -21.77 4.10 -0.12
C LEU B 123 -22.10 3.35 1.18
N GLN B 124 -23.37 3.29 1.53
CA GLN B 124 -23.83 2.43 2.63
C GLN B 124 -23.59 0.94 2.34
N TYR B 125 -23.93 0.51 1.15
CA TYR B 125 -23.62 -0.83 0.66
C TYR B 125 -22.13 -1.06 0.61
N THR B 126 -21.42 -0.08 0.10
CA THR B 126 -19.99 -0.16 -0.07
C THR B 126 -19.35 -0.42 1.28
N SER B 127 -19.77 0.36 2.25
CA SER B 127 -19.26 0.28 3.61
C SER B 127 -19.54 -1.10 4.21
N GLN B 128 -20.69 -1.67 3.94
CA GLN B 128 -21.01 -3.01 4.40
C GLN B 128 -20.14 -4.12 3.76
N ILE B 129 -19.82 -3.96 2.46
CA ILE B 129 -19.05 -4.93 1.75
C ILE B 129 -17.65 -4.87 2.37
N CYS B 130 -17.16 -3.64 2.58
CA CYS B 130 -15.85 -3.44 3.24
CA CYS B 130 -15.87 -3.44 3.21
C CYS B 130 -15.75 -4.13 4.60
N LYS B 131 -16.75 -3.93 5.44
CA LYS B 131 -16.81 -4.57 6.77
C LYS B 131 -16.81 -6.09 6.64
N GLY B 132 -17.55 -6.67 5.68
CA GLY B 132 -17.53 -8.12 5.46
C GLY B 132 -16.13 -8.62 5.07
N MET B 133 -15.50 -7.87 4.17
CA MET B 133 -14.16 -8.19 3.65
C MET B 133 -13.08 -8.04 4.72
N GLU B 134 -13.26 -7.08 5.63
CA GLU B 134 -12.35 -6.89 6.75
C GLU B 134 -12.45 -8.08 7.71
N TYR B 135 -13.67 -8.54 7.94
CA TYR B 135 -13.89 -9.77 8.73
C TYR B 135 -13.20 -11.00 8.10
N LEU B 136 -13.45 -11.27 6.81
CA LEU B 136 -12.76 -12.34 6.08
C LEU B 136 -11.25 -12.32 6.29
N GLY B 137 -10.66 -11.12 6.21
CA GLY B 137 -9.23 -10.94 6.46
C GLY B 137 -8.75 -11.37 7.82
N THR B 138 -9.56 -11.18 8.87
CA THR B 138 -9.19 -11.64 10.23
C THR B 138 -9.07 -13.17 10.31
N LYS B 139 -9.74 -13.86 9.40
CA LYS B 139 -9.69 -15.30 9.34
C LYS B 139 -8.67 -15.77 8.30
N ARG B 140 -8.03 -14.83 7.60
CA ARG B 140 -7.05 -15.15 6.56
CA ARG B 140 -7.05 -15.12 6.55
C ARG B 140 -7.67 -15.84 5.34
N TYR B 141 -8.89 -15.45 4.99
CA TYR B 141 -9.61 -16.03 3.86
C TYR B 141 -9.45 -15.03 2.74
N ILE B 142 -9.19 -15.52 1.53
CA ILE B 142 -9.14 -14.67 0.33
C ILE B 142 -10.39 -15.05 -0.48
N HIS B 143 -11.24 -14.08 -0.79
CA HIS B 143 -12.54 -14.38 -1.45
C HIS B 143 -12.39 -14.80 -2.93
N ARG B 144 -11.59 -14.03 -3.69
CA ARG B 144 -11.23 -14.28 -5.09
C ARG B 144 -12.30 -13.99 -6.13
N ASP B 145 -13.49 -13.64 -5.71
CA ASP B 145 -14.61 -13.57 -6.66
C ASP B 145 -15.61 -12.51 -6.27
N LEU B 146 -15.10 -11.38 -5.77
CA LEU B 146 -15.92 -10.21 -5.43
C LEU B 146 -16.46 -9.54 -6.67
N ALA B 147 -17.77 -9.44 -6.72
CA ALA B 147 -18.46 -8.97 -7.91
C ALA B 147 -19.86 -8.71 -7.43
N THR B 148 -20.57 -7.75 -7.98
CA THR B 148 -21.97 -7.51 -7.51
C THR B 148 -22.90 -8.70 -7.74
N ARG B 149 -22.58 -9.59 -8.69
CA ARG B 149 -23.42 -10.78 -8.90
C ARG B 149 -23.33 -11.71 -7.69
N ASN B 150 -22.26 -11.59 -6.89
CA ASN B 150 -22.06 -12.43 -5.71
C ASN B 150 -22.47 -11.79 -4.38
N ILE B 151 -23.06 -10.60 -4.43
CA ILE B 151 -23.47 -9.90 -3.21
CA ILE B 151 -23.48 -9.87 -3.24
C ILE B 151 -24.98 -9.89 -3.27
N LEU B 152 -25.61 -10.16 -2.12
CA LEU B 152 -27.05 -10.33 -2.03
C LEU B 152 -27.64 -9.21 -1.22
N VAL B 153 -28.92 -8.95 -1.45
CA VAL B 153 -29.61 -7.87 -0.80
C VAL B 153 -30.66 -8.45 0.14
N GLU B 154 -30.49 -8.15 1.41
CA GLU B 154 -31.37 -8.57 2.48
C GLU B 154 -32.61 -7.64 2.54
N ASN B 155 -32.36 -6.33 2.47
CA ASN B 155 -33.43 -5.33 2.33
C ASN B 155 -32.80 -4.08 1.74
N GLU B 156 -33.56 -3.01 1.61
CA GLU B 156 -32.95 -1.81 1.00
C GLU B 156 -31.78 -1.19 1.83
N ASN B 157 -31.57 -1.63 3.06
CA ASN B 157 -30.46 -1.15 3.90
C ASN B 157 -29.33 -2.13 4.21
N ARG B 158 -29.46 -3.40 3.80
CA ARG B 158 -28.45 -4.40 4.14
C ARG B 158 -28.13 -5.28 2.92
N VAL B 159 -26.83 -5.38 2.63
CA VAL B 159 -26.29 -6.33 1.69
C VAL B 159 -25.40 -7.36 2.42
N LYS B 160 -25.28 -8.52 1.80
CA LYS B 160 -24.37 -9.53 2.31
C LYS B 160 -23.53 -10.19 1.24
N ILE B 161 -22.26 -10.42 1.51
CA ILE B 161 -21.45 -11.27 0.63
C ILE B 161 -22.07 -12.66 0.63
N GLY B 162 -22.33 -13.21 -0.55
CA GLY B 162 -23.33 -14.29 -0.63
C GLY B 162 -22.90 -15.62 -1.24
N ASP B 163 -21.66 -15.67 -1.68
CA ASP B 163 -21.08 -16.88 -2.24
C ASP B 163 -19.58 -16.97 -1.99
N PHE B 164 -19.12 -18.17 -1.65
CA PHE B 164 -17.74 -18.39 -1.25
C PHE B 164 -17.10 -19.59 -1.97
N GLY B 165 -17.57 -19.84 -3.19
CA GLY B 165 -17.09 -21.01 -3.95
C GLY B 165 -15.63 -20.98 -4.41
N LEU B 166 -15.03 -19.79 -4.47
CA LEU B 166 -13.61 -19.66 -4.86
C LEU B 166 -12.74 -19.30 -3.66
N THR B 167 -13.34 -19.22 -2.48
CA THR B 167 -12.65 -18.69 -1.30
C THR B 167 -11.59 -19.70 -0.85
N LYS B 168 -10.42 -19.17 -0.48
CA LYS B 168 -9.29 -19.96 -0.09
C LYS B 168 -8.73 -19.44 1.23
N VAL B 169 -8.23 -20.35 2.05
CA VAL B 169 -7.51 -19.97 3.26
C VAL B 169 -6.04 -19.81 2.91
N LEU B 170 -5.45 -18.71 3.35
CA LEU B 170 -4.02 -18.46 3.14
C LEU B 170 -3.16 -19.49 3.90
N PRO B 171 -2.08 -19.98 3.28
CA PRO B 171 -1.13 -20.74 4.11
C PRO B 171 -0.70 -19.89 5.30
N GLN B 172 -0.52 -20.52 6.45
CA GLN B 172 -0.23 -19.78 7.71
C GLN B 172 0.96 -18.78 7.67
N ASP B 173 1.94 -19.04 6.80
CA ASP B 173 3.15 -18.23 6.73
C ASP B 173 3.41 -17.67 5.33
N LYS B 174 2.34 -17.48 4.55
CA LYS B 174 2.42 -16.81 3.25
C LYS B 174 1.30 -15.80 3.21
N GLU B 175 1.47 -14.72 2.45
CA GLU B 175 0.42 -13.73 2.30
C GLU B 175 -0.24 -13.79 0.93
N PTR B 176 -0.10 -14.92 0.24
CA PTR B 176 -0.74 -15.11 -1.04
C PTR B 176 -0.92 -16.60 -1.29
O PTR B 176 -0.23 -17.42 -0.68
CB PTR B 176 0.00 -14.41 -2.20
CG PTR B 176 1.37 -15.00 -2.48
CD1 PTR B 176 1.49 -16.22 -3.14
CD2 PTR B 176 2.53 -14.33 -2.11
CE1 PTR B 176 2.73 -16.77 -3.41
CE2 PTR B 176 3.78 -14.88 -2.37
CZ PTR B 176 3.87 -16.10 -3.04
OH PTR B 176 4.96 -16.65 -3.29
P PTR B 176 6.26 -15.97 -3.99
O1P PTR B 176 7.29 -17.03 -3.99
O2P PTR B 176 6.76 -14.76 -3.18
O3P PTR B 176 5.95 -15.51 -5.44
N PTR B 177 -1.83 -16.93 -2.20
CA PTR B 177 -2.10 -18.29 -2.61
C PTR B 177 -2.08 -18.33 -4.14
O PTR B 177 -2.84 -17.60 -4.79
CB PTR B 177 -3.48 -18.69 -2.07
CG PTR B 177 -3.73 -20.18 -2.02
CD1 PTR B 177 -3.96 -20.81 -0.80
CD2 PTR B 177 -3.75 -20.96 -3.17
CE1 PTR B 177 -4.17 -22.18 -0.73
CE2 PTR B 177 -3.95 -22.33 -3.11
CZ PTR B 177 -4.18 -22.94 -1.89
OH PTR B 177 -4.33 -24.16 -1.71
P PTR B 177 -5.02 -25.29 -2.65
O1P PTR B 177 -4.70 -26.58 -1.99
O2P PTR B 177 -4.48 -25.29 -4.09
O3P PTR B 177 -6.54 -25.05 -2.64
N LYS B 178 -1.24 -19.21 -4.70
CA LYS B 178 -1.29 -19.50 -6.13
C LYS B 178 -2.33 -20.58 -6.41
N VAL B 179 -3.32 -20.28 -7.24
CA VAL B 179 -4.37 -21.27 -7.50
C VAL B 179 -4.42 -21.80 -8.94
N LYS B 180 -4.58 -23.11 -9.04
CA LYS B 180 -4.88 -23.76 -10.30
C LYS B 180 -6.40 -23.69 -10.44
N GLU B 181 -6.89 -22.83 -11.33
CA GLU B 181 -8.32 -22.59 -11.40
C GLU B 181 -9.10 -23.89 -11.69
N PRO B 182 -10.08 -24.22 -10.81
CA PRO B 182 -10.91 -25.38 -11.11
C PRO B 182 -11.89 -25.12 -12.27
N GLY B 183 -12.32 -23.86 -12.46
CA GLY B 183 -13.31 -23.50 -13.50
C GLY B 183 -13.07 -22.22 -14.27
N GLU B 184 -14.15 -21.48 -14.51
CA GLU B 184 -14.06 -20.19 -15.22
C GLU B 184 -13.37 -19.15 -14.34
N SER B 185 -12.70 -18.21 -15.00
CA SER B 185 -12.04 -17.11 -14.30
C SER B 185 -12.64 -15.78 -14.76
N PRO B 186 -13.12 -14.96 -13.80
CA PRO B 186 -13.70 -13.66 -14.13
C PRO B 186 -12.58 -12.63 -14.35
N ILE B 187 -11.91 -12.72 -15.49
CA ILE B 187 -10.64 -12.04 -15.69
C ILE B 187 -10.78 -10.54 -15.56
N PHE B 188 -11.97 -10.02 -15.82
CA PHE B 188 -12.15 -8.59 -15.80
C PHE B 188 -12.30 -8.00 -14.42
N TRP B 189 -12.39 -8.86 -13.40
CA TRP B 189 -12.33 -8.42 -11.98
C TRP B 189 -10.95 -8.71 -11.32
N TYR B 190 -10.00 -9.26 -12.11
CA TYR B 190 -8.77 -9.83 -11.55
C TYR B 190 -7.61 -8.84 -11.53
N ALA B 191 -6.87 -8.85 -10.43
CA ALA B 191 -5.65 -8.08 -10.31
C ALA B 191 -4.62 -8.60 -11.33
N PRO B 192 -3.71 -7.72 -11.79
CA PRO B 192 -2.69 -8.16 -12.74
C PRO B 192 -1.91 -9.40 -12.30
N GLU B 193 -1.53 -9.47 -11.03
CA GLU B 193 -0.73 -10.59 -10.55
C GLU B 193 -1.54 -11.88 -10.50
N SER B 194 -2.87 -11.77 -10.40
CA SER B 194 -3.74 -12.93 -10.53
C SER B 194 -3.80 -13.41 -11.99
N LEU B 195 -3.71 -12.47 -12.92
CA LEU B 195 -3.71 -12.76 -14.36
C LEU B 195 -2.41 -13.37 -14.82
N THR B 196 -1.27 -12.86 -14.35
CA THR B 196 0.02 -13.32 -14.83
C THR B 196 0.54 -14.55 -14.09
N GLU B 197 0.38 -14.58 -12.78
CA GLU B 197 0.95 -15.65 -11.96
C GLU B 197 -0.10 -16.41 -11.16
N SER B 198 -1.38 -16.13 -11.35
CA SER B 198 -2.41 -16.79 -10.56
C SER B 198 -2.21 -16.61 -9.04
N LYS B 199 -1.65 -15.46 -8.66
CA LYS B 199 -1.47 -15.07 -7.26
C LYS B 199 -2.65 -14.30 -6.70
N PHE B 200 -3.24 -14.85 -5.64
CA PHE B 200 -4.37 -14.24 -4.98
C PHE B 200 -4.02 -13.94 -3.52
N SER B 201 -4.52 -12.79 -3.05
CA SER B 201 -4.17 -12.26 -1.75
C SER B 201 -5.21 -11.24 -1.34
N VAL B 202 -5.10 -10.75 -0.11
CA VAL B 202 -5.97 -9.67 0.35
C VAL B 202 -5.86 -8.51 -0.64
N ALA B 203 -4.65 -8.19 -1.09
CA ALA B 203 -4.45 -7.10 -2.06
C ALA B 203 -5.17 -7.35 -3.41
N SER B 204 -5.36 -8.61 -3.83
CA SER B 204 -6.09 -8.89 -5.05
C SER B 204 -7.59 -8.74 -4.79
N ASP B 205 -8.04 -9.10 -3.59
CA ASP B 205 -9.43 -8.83 -3.19
C ASP B 205 -9.69 -7.33 -3.18
N VAL B 206 -8.72 -6.51 -2.78
CA VAL B 206 -8.87 -5.02 -2.85
C VAL B 206 -9.04 -4.48 -4.27
N TRP B 207 -8.27 -5.03 -5.21
CA TRP B 207 -8.41 -4.69 -6.63
C TRP B 207 -9.84 -5.00 -7.08
N SER B 208 -10.30 -6.21 -6.81
CA SER B 208 -11.65 -6.62 -7.19
C SER B 208 -12.72 -5.74 -6.51
N PHE B 209 -12.54 -5.42 -5.23
CA PHE B 209 -13.40 -4.48 -4.56
C PHE B 209 -13.48 -3.14 -5.32
N GLY B 210 -12.35 -2.64 -5.78
CA GLY B 210 -12.38 -1.47 -6.65
C GLY B 210 -13.33 -1.67 -7.84
N VAL B 211 -13.26 -2.85 -8.47
CA VAL B 211 -14.16 -3.13 -9.61
C VAL B 211 -15.59 -3.19 -9.12
N VAL B 212 -15.86 -3.75 -7.93
CA VAL B 212 -17.24 -3.74 -7.38
C VAL B 212 -17.82 -2.33 -7.21
N LEU B 213 -17.00 -1.44 -6.66
CA LEU B 213 -17.34 -0.03 -6.48
C LEU B 213 -17.60 0.65 -7.82
N TYR B 214 -16.72 0.40 -8.80
CA TYR B 214 -17.00 0.80 -10.20
C TYR B 214 -18.41 0.28 -10.61
N GLU B 215 -18.68 -1.02 -10.47
CA GLU B 215 -20.00 -1.54 -10.88
C GLU B 215 -21.16 -0.80 -10.19
N LEU B 216 -21.01 -0.54 -8.90
CA LEU B 216 -22.08 0.12 -8.14
C LEU B 216 -22.41 1.45 -8.80
N PHE B 217 -21.36 2.22 -9.08
CA PHE B 217 -21.53 3.53 -9.65
C PHE B 217 -21.96 3.57 -11.14
N THR B 218 -21.86 2.46 -11.86
CA THR B 218 -22.44 2.41 -13.20
C THR B 218 -23.93 2.09 -13.15
N TYR B 219 -24.41 1.67 -11.99
CA TYR B 219 -25.77 1.20 -11.82
C TYR B 219 -26.06 -0.01 -12.73
N ILE B 220 -25.01 -0.72 -13.13
CA ILE B 220 -25.12 -1.86 -14.05
C ILE B 220 -25.83 -1.45 -15.36
N GLU B 221 -25.52 -0.23 -15.82
CA GLU B 221 -26.05 0.27 -17.08
C GLU B 221 -25.51 -0.60 -18.23
N LYS B 222 -26.42 -0.94 -19.12
CA LYS B 222 -26.11 -1.62 -20.39
C LYS B 222 -24.84 -1.07 -21.06
N SER B 223 -23.84 -1.94 -21.21
CA SER B 223 -22.58 -1.66 -21.93
C SER B 223 -21.54 -0.90 -21.11
N LYS B 224 -21.76 -0.83 -19.79
CA LYS B 224 -20.79 -0.18 -18.89
C LYS B 224 -20.11 -1.21 -18.00
N SER B 225 -20.45 -2.49 -18.18
CA SER B 225 -19.89 -3.55 -17.38
C SER B 225 -18.38 -3.62 -17.63
N PRO B 226 -17.63 -4.13 -16.65
CA PRO B 226 -16.20 -4.27 -16.86
C PRO B 226 -15.84 -5.08 -18.11
N PRO B 227 -16.54 -6.21 -18.39
CA PRO B 227 -16.21 -6.92 -19.61
C PRO B 227 -16.41 -6.10 -20.84
N ALA B 228 -17.50 -5.33 -20.91
CA ALA B 228 -17.75 -4.52 -22.08
C ALA B 228 -16.78 -3.36 -22.23
N GLU B 229 -16.39 -2.73 -21.12
CA GLU B 229 -15.48 -1.57 -21.17
C GLU B 229 -14.06 -1.99 -21.53
N PHE B 230 -13.59 -3.08 -20.92
CA PHE B 230 -12.25 -3.58 -21.27
C PHE B 230 -12.21 -4.07 -22.73
N MET B 231 -13.26 -4.75 -23.17
CA MET B 231 -13.27 -5.28 -24.54
C MET B 231 -13.27 -4.17 -25.59
N ARG B 232 -13.88 -3.03 -25.25
CA ARG B 232 -13.82 -1.85 -26.12
C ARG B 232 -12.43 -1.24 -26.18
N MET B 233 -11.70 -1.18 -25.06
CA MET B 233 -10.34 -0.62 -25.13
C MET B 233 -9.36 -1.64 -25.72
N ILE B 234 -9.58 -2.93 -25.48
CA ILE B 234 -8.79 -4.01 -26.06
C ILE B 234 -9.02 -4.19 -27.57
N GLY B 235 -10.27 -3.98 -28.00
CA GLY B 235 -10.69 -4.30 -29.35
C GLY B 235 -11.51 -5.58 -29.35
N ASN B 236 -12.77 -5.49 -29.78
CA ASN B 236 -13.59 -6.66 -30.07
C ASN B 236 -13.08 -7.33 -31.37
N ASP B 237 -12.26 -6.57 -32.09
CA ASP B 237 -11.58 -7.02 -33.32
C ASP B 237 -10.40 -7.96 -33.02
N LYS B 238 -10.00 -8.06 -31.76
CA LYS B 238 -8.90 -8.95 -31.35
C LYS B 238 -9.34 -10.42 -31.32
N GLN B 239 -8.36 -11.29 -31.09
CA GLN B 239 -8.39 -12.66 -31.60
C GLN B 239 -8.63 -13.77 -30.56
N GLY B 240 -9.45 -13.49 -29.55
CA GLY B 240 -10.08 -14.54 -28.73
C GLY B 240 -9.26 -15.10 -27.59
N GLN B 241 -8.28 -15.92 -27.93
CA GLN B 241 -7.37 -16.51 -26.93
C GLN B 241 -6.30 -15.52 -26.45
N MET B 242 -6.14 -14.44 -27.20
CA MET B 242 -5.19 -13.39 -26.89
C MET B 242 -5.74 -12.34 -25.93
N ILE B 243 -7.00 -12.49 -25.52
CA ILE B 243 -7.67 -11.44 -24.76
C ILE B 243 -6.99 -11.18 -23.44
N VAL B 244 -6.74 -12.23 -22.68
CA VAL B 244 -6.09 -12.09 -21.40
C VAL B 244 -4.75 -11.38 -21.59
N PHE B 245 -3.98 -11.80 -22.60
CA PHE B 245 -2.71 -11.18 -22.89
C PHE B 245 -2.82 -9.70 -23.22
N HIS B 246 -3.82 -9.34 -24.01
CA HIS B 246 -4.09 -7.94 -24.26
C HIS B 246 -4.52 -7.20 -22.98
N LEU B 247 -5.28 -7.87 -22.13
CA LEU B 247 -5.73 -7.30 -20.86
C LEU B 247 -4.51 -7.01 -19.96
N ILE B 248 -3.62 -7.98 -19.83
CA ILE B 248 -2.36 -7.85 -19.07
C ILE B 248 -1.59 -6.62 -19.57
N GLU B 249 -1.41 -6.50 -20.87
CA GLU B 249 -0.66 -5.36 -21.39
C GLU B 249 -1.40 -4.06 -21.11
N LEU B 250 -2.72 -4.06 -21.28
CA LEU B 250 -3.49 -2.87 -21.03
C LEU B 250 -3.29 -2.40 -19.59
N LEU B 251 -3.39 -3.31 -18.62
CA LEU B 251 -3.25 -2.93 -17.22
C LEU B 251 -1.84 -2.44 -16.93
N LYS B 252 -0.86 -3.10 -17.53
CA LYS B 252 0.55 -2.81 -17.30
C LYS B 252 0.90 -1.39 -17.73
N ASN B 253 0.23 -0.92 -18.78
CA ASN B 253 0.39 0.43 -19.30
C ASN B 253 -0.66 1.40 -18.74
N ASN B 254 -1.13 1.11 -17.53
CA ASN B 254 -2.09 1.90 -16.76
C ASN B 254 -3.43 2.25 -17.42
N GLY B 255 -3.90 1.38 -18.31
CA GLY B 255 -5.26 1.44 -18.81
C GLY B 255 -6.15 0.95 -17.69
N ARG B 256 -7.26 1.65 -17.50
CA ARG B 256 -8.15 1.44 -16.37
C ARG B 256 -9.58 1.70 -16.83
N LEU B 257 -10.54 1.11 -16.13
CA LEU B 257 -11.96 1.42 -16.39
C LEU B 257 -12.18 2.90 -16.16
N PRO B 258 -13.09 3.53 -16.95
CA PRO B 258 -13.29 4.98 -16.87
C PRO B 258 -14.17 5.37 -15.67
N ARG B 259 -14.19 6.64 -15.34
CA ARG B 259 -15.08 7.14 -14.30
C ARG B 259 -16.52 6.96 -14.75
N PRO B 260 -17.32 6.24 -13.95
CA PRO B 260 -18.72 6.05 -14.37
C PRO B 260 -19.48 7.39 -14.48
N ASP B 261 -20.53 7.44 -15.31
CA ASP B 261 -21.24 8.71 -15.52
C ASP B 261 -21.83 9.18 -14.19
N GLY B 262 -21.67 10.46 -13.89
CA GLY B 262 -22.15 11.04 -12.63
C GLY B 262 -21.38 10.65 -11.37
N CYS B 263 -20.31 9.89 -11.49
CA CYS B 263 -19.57 9.45 -10.30
C CYS B 263 -18.71 10.60 -9.76
N PRO B 264 -18.79 10.91 -8.44
CA PRO B 264 -17.92 11.97 -7.92
C PRO B 264 -16.45 11.60 -8.04
N ASP B 265 -15.59 12.60 -8.20
CA ASP B 265 -14.15 12.35 -8.34
C ASP B 265 -13.53 11.68 -7.13
N GLU B 266 -13.98 12.04 -5.93
CA GLU B 266 -13.45 11.41 -4.73
C GLU B 266 -13.84 9.93 -4.66
N ILE B 267 -14.97 9.54 -5.23
CA ILE B 267 -15.33 8.10 -5.23
C ILE B 267 -14.47 7.37 -6.27
N TYR B 268 -14.31 7.97 -7.44
CA TYR B 268 -13.44 7.42 -8.48
C TYR B 268 -11.99 7.27 -8.02
N MET B 269 -11.51 8.20 -7.19
CA MET B 269 -10.16 8.10 -6.63
C MET B 269 -9.96 6.88 -5.76
N ILE B 270 -11.00 6.46 -5.05
CA ILE B 270 -10.94 5.23 -4.26
C ILE B 270 -10.74 4.00 -5.18
N MET B 271 -11.51 3.96 -6.27
CA MET B 271 -11.39 2.91 -7.29
C MET B 271 -9.96 2.88 -7.87
N THR B 272 -9.49 4.02 -8.32
CA THR B 272 -8.21 4.06 -9.02
C THR B 272 -7.08 3.69 -8.06
N GLU B 273 -7.23 3.98 -6.77
CA GLU B 273 -6.23 3.60 -5.76
C GLU B 273 -6.24 2.11 -5.50
N CYS B 274 -7.43 1.51 -5.55
CA CYS B 274 -7.57 0.07 -5.46
C CYS B 274 -6.89 -0.61 -6.65
N TRP B 275 -6.76 0.10 -7.77
CA TRP B 275 -6.21 -0.51 -8.99
C TRP B 275 -4.76 -0.15 -9.24
N ASN B 276 -3.96 -0.18 -8.18
CA ASN B 276 -2.55 0.08 -8.30
C ASN B 276 -1.82 -1.19 -8.74
N ASN B 277 -0.99 -1.07 -9.76
CA ASN B 277 -0.10 -2.16 -10.18
C ASN B 277 0.72 -2.75 -9.03
N ASN B 278 1.20 -1.90 -8.13
CA ASN B 278 1.91 -2.35 -6.92
C ASN B 278 0.94 -2.76 -5.85
N VAL B 279 0.91 -4.06 -5.57
CA VAL B 279 0.13 -4.64 -4.49
C VAL B 279 0.21 -3.86 -3.17
N ASN B 280 1.43 -3.49 -2.78
CA ASN B 280 1.64 -2.81 -1.52
C ASN B 280 1.14 -1.38 -1.43
N GLN B 281 0.78 -0.77 -2.57
CA GLN B 281 0.14 0.55 -2.56
C GLN B 281 -1.37 0.51 -2.70
N ARG B 282 -1.95 -0.66 -2.67
CA ARG B 282 -3.40 -0.75 -2.60
C ARG B 282 -3.86 -0.52 -1.16
N PRO B 283 -4.99 0.18 -0.96
CA PRO B 283 -5.38 0.42 0.44
C PRO B 283 -5.83 -0.86 1.13
N SER B 284 -5.78 -0.89 2.45
CA SER B 284 -6.39 -2.01 3.21
C SER B 284 -7.91 -1.80 3.29
N PHE B 285 -8.66 -2.85 3.63
CA PHE B 285 -10.10 -2.75 3.84
C PHE B 285 -10.46 -1.89 5.04
N ARG B 286 -9.66 -1.96 6.09
CA ARG B 286 -9.74 -1.02 7.19
C ARG B 286 -9.63 0.42 6.71
N ASP B 287 -8.61 0.73 5.92
CA ASP B 287 -8.46 2.08 5.36
C ASP B 287 -9.70 2.45 4.55
N LEU B 288 -10.19 1.49 3.74
CA LEU B 288 -11.29 1.79 2.83
C LEU B 288 -12.56 2.06 3.59
N ALA B 289 -12.84 1.23 4.61
CA ALA B 289 -13.99 1.44 5.49
C ALA B 289 -13.96 2.84 6.10
N LEU B 290 -12.80 3.22 6.64
CA LEU B 290 -12.63 4.58 7.16
C LEU B 290 -12.83 5.67 6.09
N ARG B 291 -12.22 5.54 4.92
CA ARG B 291 -12.35 6.54 3.83
CA ARG B 291 -12.36 6.58 3.90
C ARG B 291 -13.83 6.68 3.44
N VAL B 292 -14.48 5.55 3.24
CA VAL B 292 -15.89 5.55 2.80
C VAL B 292 -16.81 6.20 3.86
N ASP B 293 -16.64 5.82 5.12
CA ASP B 293 -17.43 6.41 6.21
C ASP B 293 -17.20 7.91 6.36
N GLN B 294 -15.98 8.39 6.12
CA GLN B 294 -15.72 9.85 6.05
C GLN B 294 -16.47 10.57 4.97
N ILE B 295 -16.50 9.98 3.79
CA ILE B 295 -17.18 10.60 2.64
C ILE B 295 -18.68 10.63 2.94
N ARG B 296 -19.23 9.54 3.48
CA ARG B 296 -20.65 9.54 3.85
C ARG B 296 -20.96 10.59 4.92
N ASP B 297 -20.05 10.76 5.88
CA ASP B 297 -20.22 11.80 6.89
C ASP B 297 -20.20 13.19 6.25
N ASN B 298 -19.26 13.40 5.34
CA ASN B 298 -19.18 14.68 4.63
C ASN B 298 -20.48 14.92 3.88
N MET B 299 -20.99 13.89 3.21
CA MET B 299 -22.17 14.03 2.36
C MET B 299 -23.43 14.29 3.19
N ALA B 300 -23.53 13.65 4.37
CA ALA B 300 -24.67 13.81 5.26
C ALA B 300 -24.55 15.07 6.13
N GLY B 301 -23.32 15.58 6.30
CA GLY B 301 -23.09 16.88 6.95
C GLY B 301 -23.55 18.04 6.08
O2 88A C . 24.79 10.15 -3.92
S 88A C . 25.21 10.70 -2.62
O1 88A C . 26.01 11.91 -2.46
C1 88A C . 23.64 11.03 -1.76
C21 88A C . 25.93 9.41 -1.65
C20 88A C . 26.23 8.19 -2.24
C19 88A C . 26.81 7.20 -1.43
C22 88A C . 26.15 9.68 -0.29
C23 88A C . 26.70 8.68 0.49
C18 88A C . 27.05 7.44 -0.07
C2 88A C . 27.65 6.40 0.81
C6 88A C . 27.49 5.02 0.49
N3 88A C . 26.93 4.37 -0.50
C7 88A C . 27.13 3.08 -0.19
N2 88A C . 27.80 2.82 0.90
N1 88A C . 28.03 4.07 1.37
C5 88A C . 28.65 4.41 2.51
C4 88A C . 28.82 5.73 2.82
C3 88A C . 28.33 6.74 1.97
N4 88A C . 26.66 2.08 -1.03
C8 88A C . 26.08 2.07 -2.22
C13 88A C . 25.60 3.26 -2.83
C12 88A C . 25.01 3.21 -4.09
C11 88A C . 24.87 2.00 -4.78
C10 88A C . 25.33 0.81 -4.16
C9 88A C . 25.94 0.87 -2.90
N5 88A C . 24.31 1.98 -6.00
C17 88A C . 24.45 3.12 -6.93
C16 88A C . 24.33 2.85 -8.45
O3 88A C . 23.60 1.67 -8.77
C15 88A C . 23.97 0.55 -7.95
C14 88A C . 23.53 0.84 -6.52
S SO4 D . 13.90 -2.37 14.34
O1 SO4 D . 15.35 -2.45 14.32
O2 SO4 D . 13.48 -1.11 13.71
O3 SO4 D . 13.30 -3.51 13.63
O4 SO4 D . 13.48 -2.41 15.73
O2 88A E . -25.90 -17.59 -9.34
S 88A E . -24.90 -17.69 -8.25
O1 88A E . -23.98 -18.84 -8.27
C1 88A E . -23.91 -16.15 -8.27
C21 88A E . -25.73 -17.61 -6.66
C20 88A E . -27.13 -17.57 -6.57
C19 88A E . -27.72 -17.49 -5.32
C22 88A E . -24.95 -17.56 -5.51
C23 88A E . -25.56 -17.48 -4.26
C18 88A E . -26.96 -17.44 -4.13
C2 88A E . -27.57 -17.36 -2.79
C6 88A E . -28.82 -16.71 -2.63
N3 88A E . -29.66 -16.12 -3.48
C7 88A E . -30.65 -15.72 -2.67
N2 88A E . -30.58 -16.01 -1.40
N1 88A E . -29.36 -16.65 -1.36
C5 88A E . -28.78 -17.15 -0.25
C4 88A E . -27.57 -17.77 -0.36
C3 88A E . -26.97 -17.88 -1.65
N4 88A E . -31.75 -15.07 -3.19
C8 88A E . -32.20 -14.79 -4.43
C13 88A E . -31.43 -15.03 -5.57
C12 88A E . -31.93 -14.73 -6.84
C11 88A E . -33.23 -14.22 -7.02
C10 88A E . -34.00 -13.99 -5.87
C9 88A E . -33.49 -14.27 -4.59
N5 88A E . -33.68 -13.96 -8.30
C17 88A E . -33.04 -14.52 -9.50
C16 88A E . -33.97 -14.49 -10.74
O3 88A E . -35.29 -14.88 -10.33
C15 88A E . -35.88 -13.93 -9.43
C14 88A E . -34.83 -13.10 -8.64
S SO4 F . -25.13 2.07 7.82
O1 SO4 F . -23.99 2.63 8.56
O2 SO4 F . -25.78 3.17 7.10
O3 SO4 F . -24.64 1.01 6.94
O4 SO4 F . -26.12 1.53 8.74
S SO4 G . -20.39 13.48 -15.42
O1 SO4 G . -20.83 14.09 -14.16
O2 SO4 G . -19.05 13.99 -15.73
O3 SO4 G . -20.31 12.04 -15.27
O4 SO4 G . -21.32 13.80 -16.49
S SO4 H . -23.37 -4.88 -20.00
O1 SO4 H . -23.91 -4.95 -18.64
O2 SO4 H . -24.45 -4.37 -20.87
O3 SO4 H . -22.25 -3.94 -20.09
O4 SO4 H . -22.97 -6.21 -20.43
S SO4 I . -30.41 -10.52 11.98
O1 SO4 I . -29.38 -9.53 12.27
O2 SO4 I . -31.55 -9.88 11.33
O3 SO4 I . -29.82 -11.53 11.10
O4 SO4 I . -30.86 -11.14 13.23
#